data_4NKM
#
_entry.id   4NKM
#
_cell.length_a   103.265
_cell.length_b   92.257
_cell.length_c   142.708
_cell.angle_alpha   90.00
_cell.angle_beta   110.86
_cell.angle_gamma   90.00
#
_symmetry.space_group_name_H-M   'C 1 2 1'
#
_entity_poly.entity_id   1
_entity_poly.type   'polypeptide(L)'
_entity_poly.pdbx_seq_one_letter_code
;MADYKDIVMTQTPSSLPVSLGDQASISCRSSQSIVHSNGNTYLEWYLQKPGQSPKLLIYKVSNRFSGVPDRFSGSGSGTD
FTLKISRVEAEDLGIYYCFQGSLVPPTFGAGTKLELKRGGGGSGGGGSGGGGSSGGGSQVQLQQSGPEDVKPGASVKISC
KASGYSLTTKGMGVNWVKQSPGKGLEWLAHIYWDDDKRYNPSLKSRATLTVDKSSSTVYLELRSLTSEDSSVYYCARRGG
SSHYYAMDYWGQGTTVTVSSASGADHHHHHH
;
_entity_poly.pdbx_strand_id   A,B,C,D
#
# COMPACT_ATOMS: atom_id res chain seq x y z
N ASP A 6 -8.90 4.28 -2.45
CA ASP A 6 -7.98 3.39 -3.14
C ASP A 6 -6.57 3.96 -3.21
N ILE A 7 -5.91 4.03 -2.05
CA ILE A 7 -4.55 4.53 -1.96
C ILE A 7 -3.55 3.41 -1.69
N VAL A 8 -2.60 3.21 -2.59
CA VAL A 8 -1.61 2.15 -2.42
C VAL A 8 -0.27 2.68 -1.92
N MET A 9 0.08 2.31 -0.70
CA MET A 9 1.33 2.74 -0.09
C MET A 9 2.48 1.84 -0.53
N THR A 10 3.54 2.43 -1.05
CA THR A 10 4.65 1.67 -1.62
C THR A 10 5.30 0.77 -0.57
N GLN A 11 5.71 -0.41 -1.02
CA GLN A 11 6.26 -1.45 -0.15
C GLN A 11 7.51 -0.98 0.60
N THR A 12 8.50 -0.47 -0.15
CA THR A 12 9.73 0.09 0.44
C THR A 12 10.58 -1.04 1.05
N PRO A 13 11.84 -0.78 1.46
CA PRO A 13 12.77 -1.92 1.60
C PRO A 13 12.36 -2.96 2.65
N SER A 14 11.42 -3.81 2.25
CA SER A 14 10.80 -4.83 3.09
C SER A 14 11.78 -5.66 3.93
N SER A 15 12.89 -6.06 3.33
CA SER A 15 13.90 -6.79 4.09
C SER A 15 14.95 -5.83 4.59
N LEU A 16 15.08 -5.73 5.92
CA LEU A 16 16.05 -4.81 6.50
C LEU A 16 16.87 -5.45 7.60
N PRO A 17 17.91 -6.20 7.21
CA PRO A 17 18.89 -6.71 8.15
C PRO A 17 19.86 -5.62 8.60
N VAL A 18 20.24 -5.62 9.87
CA VAL A 18 21.25 -4.71 10.39
C VAL A 18 21.93 -5.32 11.61
N SER A 19 23.13 -4.85 11.91
CA SER A 19 23.79 -5.22 13.15
C SER A 19 23.31 -4.24 14.22
N LEU A 20 23.74 -4.45 15.46
CA LEU A 20 23.33 -3.57 16.54
C LEU A 20 24.09 -2.25 16.46
N GLY A 21 23.43 -1.16 16.82
CA GLY A 21 24.06 0.15 16.81
C GLY A 21 24.17 0.75 15.42
N ASP A 22 23.88 -0.07 14.40
CA ASP A 22 23.92 0.40 13.03
C ASP A 22 22.78 1.37 12.78
N GLN A 23 23.03 2.37 11.95
CA GLN A 23 21.98 3.30 11.57
C GLN A 23 20.93 2.59 10.72
N ALA A 24 19.67 2.97 10.87
CA ALA A 24 18.60 2.32 10.14
C ALA A 24 17.62 3.36 9.61
N SER A 25 17.26 3.22 8.33
CA SER A 25 16.32 4.13 7.71
C SER A 25 15.35 3.40 6.79
N ILE A 26 14.07 3.69 6.96
CA ILE A 26 13.01 3.11 6.14
C ILE A 26 12.33 4.24 5.38
N SER A 27 11.70 3.91 4.26
CA SER A 27 10.99 4.90 3.46
C SER A 27 9.52 4.52 3.32
N CYS A 28 8.69 5.46 2.91
CA CYS A 28 7.33 5.16 2.50
C CYS A 28 6.94 6.10 1.38
N ARG A 29 6.32 5.57 0.33
CA ARG A 29 5.92 6.42 -0.78
C ARG A 29 4.49 6.14 -1.18
N SER A 30 3.75 7.19 -1.51
CA SER A 30 2.35 7.03 -1.82
C SER A 30 2.06 7.29 -3.29
N SER A 31 1.08 6.57 -3.82
CA SER A 31 0.63 6.76 -5.19
C SER A 31 0.19 8.21 -5.41
N GLN A 32 -0.90 8.60 -4.74
CA GLN A 32 -1.39 9.97 -4.86
C GLN A 32 -1.00 10.82 -3.66
N SER A 33 -1.47 12.06 -3.65
CA SER A 33 -1.24 12.96 -2.52
C SER A 33 -2.11 12.58 -1.32
N ILE A 34 -1.47 12.39 -0.18
CA ILE A 34 -2.17 11.98 1.04
C ILE A 34 -2.59 13.21 1.84
N VAL A 35 -2.30 14.38 1.30
CA VAL A 35 -2.67 15.62 1.98
C VAL A 35 -4.19 15.74 1.97
N HIS A 36 -4.76 15.81 3.17
CA HIS A 36 -6.20 15.72 3.36
C HIS A 36 -6.85 17.08 3.20
N SER A 37 -8.05 17.09 2.62
CA SER A 37 -8.86 18.31 2.68
C SER A 37 -8.99 18.63 4.15
N ASN A 38 -8.88 19.93 4.48
CA ASN A 38 -8.55 20.49 5.80
C ASN A 38 -7.02 20.64 5.99
N GLY A 39 -6.25 20.19 5.02
CA GLY A 39 -4.82 20.51 4.94
C GLY A 39 -3.86 19.74 5.82
N ASN A 40 -4.37 18.82 6.64
CA ASN A 40 -3.51 17.97 7.45
C ASN A 40 -3.15 16.69 6.71
N THR A 41 -1.94 16.18 6.92
CA THR A 41 -1.57 14.88 6.37
C THR A 41 -1.39 13.88 7.50
N TYR A 42 -2.30 12.91 7.58
CA TYR A 42 -2.21 11.92 8.64
C TYR A 42 -1.43 10.71 8.18
N LEU A 43 -0.22 10.57 8.71
CA LEU A 43 0.61 9.41 8.42
C LEU A 43 1.16 8.86 9.72
N GLU A 44 1.05 7.55 9.90
CA GLU A 44 1.45 6.93 11.14
C GLU A 44 2.39 5.75 10.88
N TRP A 45 3.25 5.47 11.85
CA TRP A 45 4.19 4.36 11.73
C TRP A 45 3.98 3.36 12.86
N TYR A 46 3.92 2.08 12.50
CA TYR A 46 3.66 1.05 13.49
C TYR A 46 4.74 -0.02 13.51
N LEU A 47 4.85 -0.70 14.65
CA LEU A 47 5.80 -1.79 14.85
C LEU A 47 5.03 -2.99 15.38
N GLN A 48 5.32 -4.16 14.83
CA GLN A 48 4.68 -5.37 15.32
C GLN A 48 5.74 -6.39 15.73
N LYS A 49 5.79 -6.69 17.02
CA LYS A 49 6.59 -7.80 17.51
C LYS A 49 5.95 -9.09 17.02
N PRO A 50 6.77 -10.15 16.84
CA PRO A 50 6.28 -11.41 16.28
C PRO A 50 5.03 -11.94 16.99
N GLY A 51 5.04 -11.92 18.32
CA GLY A 51 3.89 -12.36 19.08
C GLY A 51 2.88 -11.25 19.37
N GLN A 52 3.38 -10.01 19.44
CA GLN A 52 2.57 -8.90 19.95
C GLN A 52 1.57 -8.31 18.97
N SER A 53 0.80 -7.34 19.47
CA SER A 53 -0.11 -6.53 18.67
C SER A 53 0.63 -5.30 18.14
N PRO A 54 0.12 -4.69 17.06
CA PRO A 54 0.77 -3.50 16.50
C PRO A 54 0.95 -2.39 17.53
N LYS A 55 2.08 -1.70 17.44
CA LYS A 55 2.46 -0.66 18.38
C LYS A 55 2.70 0.65 17.63
N LEU A 56 2.07 1.74 18.07
CA LEU A 56 2.16 2.99 17.33
C LEU A 56 3.44 3.75 17.68
N LEU A 57 4.31 3.89 16.70
CA LEU A 57 5.55 4.63 16.86
C LEU A 57 5.38 6.12 16.65
N ILE A 58 4.61 6.48 15.63
CA ILE A 58 4.58 7.86 15.14
C ILE A 58 3.18 8.29 14.69
N TYR A 59 2.79 9.50 15.08
CA TYR A 59 1.52 10.09 14.69
C TYR A 59 1.76 11.43 13.99
N LYS A 60 0.98 11.69 12.94
CA LYS A 60 1.13 12.89 12.13
C LYS A 60 2.58 13.10 11.69
N VAL A 61 3.07 12.19 10.85
CA VAL A 61 4.40 12.32 10.24
C VAL A 61 5.50 12.58 11.28
N SER A 62 6.10 13.77 11.23
CA SER A 62 7.24 14.12 12.09
C SER A 62 7.02 13.84 13.59
N ASN A 63 5.84 14.16 14.09
CA ASN A 63 5.54 14.00 15.51
C ASN A 63 5.59 12.53 15.94
N ARG A 64 5.82 12.27 17.22
CA ARG A 64 5.96 10.90 17.69
C ARG A 64 5.21 10.62 18.99
N PHE A 65 4.83 9.37 19.18
CA PHE A 65 4.04 8.94 20.32
C PHE A 65 4.83 8.94 21.63
N SER A 66 4.10 8.97 22.75
CA SER A 66 4.71 8.93 24.07
C SER A 66 5.31 7.54 24.37
N GLY A 67 6.33 7.50 25.21
CA GLY A 67 6.97 6.24 25.56
C GLY A 67 7.88 5.73 24.45
N VAL A 68 7.94 6.47 23.35
CA VAL A 68 8.79 6.13 22.23
C VAL A 68 10.15 6.80 22.38
N PRO A 69 11.23 6.00 22.31
CA PRO A 69 12.62 6.45 22.54
C PRO A 69 13.03 7.64 21.68
N ASP A 70 13.98 8.42 22.18
CA ASP A 70 14.32 9.72 21.59
C ASP A 70 14.69 9.70 20.13
N ARG A 71 15.28 8.61 19.65
CA ARG A 71 15.74 8.63 18.26
C ARG A 71 14.80 7.87 17.33
N PHE A 72 13.95 8.64 16.67
CA PHE A 72 13.16 8.21 15.52
C PHE A 72 12.82 9.47 14.77
N SER A 73 12.76 9.44 13.44
CA SER A 73 12.24 10.62 12.74
C SER A 73 11.34 10.27 11.57
N GLY A 74 10.08 10.64 11.63
CA GLY A 74 9.27 10.72 10.43
C GLY A 74 9.79 11.90 9.66
N SER A 75 10.29 11.67 8.44
CA SER A 75 10.82 12.76 7.63
C SER A 75 9.86 13.21 6.53
N GLY A 76 8.68 12.59 6.48
CA GLY A 76 7.80 12.70 5.33
C GLY A 76 7.49 14.08 4.79
N SER A 77 7.63 14.21 3.47
CA SER A 77 7.28 15.44 2.78
C SER A 77 6.64 15.14 1.42
N GLY A 78 5.50 15.78 1.15
CA GLY A 78 4.77 15.53 -0.09
C GLY A 78 4.18 14.13 -0.12
N THR A 79 4.48 13.40 -1.18
CA THR A 79 4.02 12.01 -1.29
C THR A 79 5.11 11.05 -0.83
N ASP A 80 6.27 11.61 -0.51
CA ASP A 80 7.39 10.80 -0.05
C ASP A 80 7.50 10.86 1.47
N PHE A 81 7.72 9.71 2.09
CA PHE A 81 7.81 9.63 3.54
C PHE A 81 8.93 8.68 3.94
N THR A 82 9.56 8.92 5.08
CA THR A 82 10.60 8.01 5.57
C THR A 82 10.78 8.08 7.09
N LEU A 83 11.29 6.99 7.65
CA LEU A 83 11.52 6.88 9.09
C LEU A 83 12.95 6.42 9.39
N LYS A 84 13.66 7.18 10.22
CA LYS A 84 15.06 6.90 10.49
C LYS A 84 15.30 6.53 11.96
N ILE A 85 16.17 5.55 12.18
CA ILE A 85 16.64 5.21 13.51
C ILE A 85 18.17 5.28 13.56
N SER A 86 18.70 6.23 14.34
CA SER A 86 20.13 6.44 14.41
C SER A 86 20.84 5.30 15.12
N ARG A 87 20.23 4.83 16.21
CA ARG A 87 20.79 3.74 16.99
C ARG A 87 19.79 2.60 17.16
N VAL A 88 20.21 1.39 16.77
CA VAL A 88 19.36 0.22 16.91
C VAL A 88 19.74 -0.57 18.17
N GLU A 89 18.73 -0.94 18.94
CA GLU A 89 18.93 -1.73 20.16
C GLU A 89 18.07 -2.99 20.13
N ALA A 90 18.06 -3.72 21.24
CA ALA A 90 17.41 -5.03 21.33
C ALA A 90 15.94 -5.02 20.91
N GLU A 91 15.09 -4.35 21.69
CA GLU A 91 13.65 -4.39 21.46
C GLU A 91 13.21 -3.65 20.20
N ASP A 92 14.10 -2.85 19.62
CA ASP A 92 13.77 -2.13 18.39
C ASP A 92 13.48 -3.07 17.22
N LEU A 93 13.94 -4.32 17.33
CA LEU A 93 13.68 -5.31 16.29
C LEU A 93 12.19 -5.65 16.19
N GLY A 94 11.76 -6.01 14.99
CA GLY A 94 10.36 -6.31 14.73
C GLY A 94 10.06 -5.99 13.28
N ILE A 95 8.79 -5.82 12.95
CA ILE A 95 8.43 -5.44 11.59
C ILE A 95 7.61 -4.15 11.61
N TYR A 96 7.91 -3.25 10.67
CA TYR A 96 7.30 -1.93 10.66
C TYR A 96 6.28 -1.78 9.55
N TYR A 97 5.25 -0.98 9.81
CA TYR A 97 4.28 -0.65 8.79
C TYR A 97 4.14 0.86 8.70
N CYS A 98 3.88 1.37 7.51
CA CYS A 98 3.56 2.77 7.34
C CYS A 98 2.07 2.86 7.00
N PHE A 99 1.38 3.81 7.61
CA PHE A 99 -0.06 3.87 7.48
C PHE A 99 -0.54 5.30 7.28
N GLN A 100 -1.54 5.47 6.42
CA GLN A 100 -2.14 6.77 6.22
C GLN A 100 -3.62 6.72 6.65
N GLY A 101 -4.02 7.71 7.44
CA GLY A 101 -5.37 7.77 7.97
C GLY A 101 -6.22 8.85 7.32
N SER A 102 -5.82 9.29 6.13
CA SER A 102 -6.41 10.49 5.54
C SER A 102 -7.51 10.21 4.51
N LEU A 103 -7.12 9.76 3.32
CA LEU A 103 -8.06 9.73 2.19
C LEU A 103 -8.87 8.44 2.12
N VAL A 104 -10.19 8.60 2.11
CA VAL A 104 -11.14 7.51 1.82
C VAL A 104 -10.85 6.24 2.61
N PRO A 105 -10.67 5.14 1.89
CA PRO A 105 -10.26 3.88 2.51
C PRO A 105 -8.78 3.92 2.81
N PRO A 106 -8.42 3.88 4.11
CA PRO A 106 -7.02 4.00 4.52
C PRO A 106 -6.24 2.74 4.19
N THR A 107 -4.93 2.84 4.06
CA THR A 107 -4.12 1.68 3.72
C THR A 107 -2.77 1.70 4.42
N PHE A 108 -2.19 0.52 4.56
CA PHE A 108 -0.87 0.38 5.14
C PHE A 108 0.13 0.18 4.03
N GLY A 109 1.39 -0.02 4.40
CA GLY A 109 2.39 -0.48 3.45
C GLY A 109 2.47 -1.97 3.65
N ALA A 110 3.14 -2.66 2.74
CA ALA A 110 3.37 -4.10 2.89
C ALA A 110 4.26 -4.35 4.10
N GLY A 111 4.90 -3.28 4.56
CA GLY A 111 5.69 -3.29 5.77
C GLY A 111 7.11 -3.73 5.56
N THR A 112 7.96 -3.40 6.53
CA THR A 112 9.38 -3.68 6.45
C THR A 112 9.81 -4.62 7.56
N LYS A 113 10.50 -5.69 7.19
CA LYS A 113 11.00 -6.64 8.18
C LYS A 113 12.38 -6.21 8.66
N LEU A 114 12.46 -5.85 9.94
CA LEU A 114 13.74 -5.52 10.55
C LEU A 114 14.24 -6.70 11.36
N GLU A 115 15.29 -7.35 10.88
CA GLU A 115 15.81 -8.54 11.53
C GLU A 115 17.33 -8.50 11.68
N LEU A 116 17.82 -8.94 12.83
CA LEU A 116 19.26 -8.97 13.11
C LEU A 116 19.98 -9.92 12.16
N LYS A 117 21.07 -9.44 11.56
CA LYS A 117 21.90 -10.32 10.75
C LYS A 117 22.88 -11.06 11.63
N ARG A 118 22.87 -12.40 11.54
CA ARG A 118 23.66 -13.21 12.46
C ARG A 118 25.03 -13.48 11.83
N GLY A 119 25.91 -14.11 12.61
CA GLY A 119 27.27 -14.38 12.17
C GLY A 119 28.22 -14.26 13.34
N GLY A 120 29.51 -14.26 13.07
CA GLY A 120 30.52 -14.00 14.08
C GLY A 120 30.49 -14.96 15.25
N GLN A 139 -4.58 2.68 33.78
CA GLN A 139 -4.24 2.92 32.39
C GLN A 139 -5.43 2.70 31.48
N VAL A 140 -5.16 2.58 30.19
CA VAL A 140 -6.20 2.33 29.20
C VAL A 140 -6.00 0.93 28.65
N GLN A 141 -7.09 0.19 28.54
CA GLN A 141 -7.00 -1.17 28.01
C GLN A 141 -8.20 -1.49 27.13
N LEU A 142 -7.95 -2.23 26.06
CA LEU A 142 -9.02 -2.72 25.21
C LEU A 142 -9.03 -4.24 25.27
N GLN A 143 -10.21 -4.83 25.33
CA GLN A 143 -10.33 -6.27 25.44
C GLN A 143 -11.23 -6.81 24.35
N GLN A 144 -10.88 -7.96 23.80
CA GLN A 144 -11.61 -8.52 22.67
C GLN A 144 -12.18 -9.88 23.02
N SER A 145 -13.12 -10.34 22.20
CA SER A 145 -13.80 -11.60 22.44
C SER A 145 -12.85 -12.77 22.24
N GLY A 146 -13.37 -13.98 22.44
CA GLY A 146 -12.57 -15.17 22.26
C GLY A 146 -12.45 -15.51 20.80
N PRO A 147 -11.71 -16.56 20.47
CA PRO A 147 -11.60 -16.99 19.07
C PRO A 147 -12.92 -17.57 18.56
N GLU A 148 -13.16 -17.45 17.27
CA GLU A 148 -14.38 -18.00 16.68
C GLU A 148 -14.06 -18.90 15.49
N ASP A 149 -14.48 -20.14 15.58
CA ASP A 149 -14.30 -21.11 14.51
C ASP A 149 -15.66 -21.57 14.02
N VAL A 150 -15.93 -21.38 12.74
CA VAL A 150 -17.25 -21.65 12.21
C VAL A 150 -17.21 -22.02 10.73
N LYS A 151 -18.19 -22.79 10.27
CA LYS A 151 -18.30 -23.18 8.87
C LYS A 151 -18.53 -21.95 7.99
N PRO A 152 -18.06 -22.02 6.73
CA PRO A 152 -18.26 -20.92 5.78
C PRO A 152 -19.73 -20.65 5.51
N GLY A 153 -20.07 -19.42 5.12
CA GLY A 153 -21.43 -19.07 4.82
C GLY A 153 -22.19 -18.61 6.05
N ALA A 154 -21.59 -18.80 7.22
CA ALA A 154 -22.22 -18.42 8.47
C ALA A 154 -21.89 -16.96 8.79
N SER A 155 -22.41 -16.49 9.92
CA SER A 155 -22.17 -15.12 10.34
C SER A 155 -21.63 -15.10 11.76
N VAL A 156 -20.69 -14.19 12.02
CA VAL A 156 -20.09 -14.09 13.35
C VAL A 156 -20.11 -12.67 13.87
N LYS A 157 -20.01 -12.54 15.19
CA LYS A 157 -19.96 -11.24 15.84
C LYS A 157 -18.92 -11.30 16.94
N ILE A 158 -18.07 -10.28 17.00
CA ILE A 158 -17.01 -10.23 18.01
C ILE A 158 -17.13 -8.96 18.84
N SER A 159 -16.48 -8.94 19.99
CA SER A 159 -16.61 -7.82 20.91
C SER A 159 -15.28 -7.14 21.16
N CYS A 160 -15.31 -5.81 21.25
CA CYS A 160 -14.16 -5.06 21.73
C CYS A 160 -14.60 -4.17 22.88
N LYS A 161 -14.09 -4.46 24.07
CA LYS A 161 -14.49 -3.73 25.28
C LYS A 161 -13.38 -2.78 25.71
N ALA A 162 -13.72 -1.52 25.89
CA ALA A 162 -12.74 -0.50 26.21
C ALA A 162 -12.87 -0.03 27.64
N SER A 163 -11.72 0.19 28.29
CA SER A 163 -11.70 0.71 29.64
C SER A 163 -10.60 1.75 29.80
N GLY A 164 -10.80 2.69 30.72
CA GLY A 164 -9.84 3.76 30.93
C GLY A 164 -10.30 5.11 30.41
N TYR A 165 -11.38 5.10 29.63
CA TYR A 165 -11.92 6.34 29.08
C TYR A 165 -13.38 6.19 28.62
N SER A 166 -13.95 7.27 28.10
CA SER A 166 -15.31 7.27 27.58
C SER A 166 -15.31 7.22 26.06
N LEU A 167 -15.96 6.20 25.49
CA LEU A 167 -15.97 6.04 24.05
C LEU A 167 -16.75 7.17 23.39
N THR A 168 -17.65 7.79 24.15
CA THR A 168 -18.50 8.85 23.64
C THR A 168 -17.81 10.21 23.71
N THR A 169 -16.58 10.24 24.19
CA THR A 169 -15.82 11.48 24.24
C THR A 169 -15.60 11.99 22.81
N LYS A 170 -15.51 13.31 22.66
CA LYS A 170 -15.41 13.89 21.33
C LYS A 170 -14.00 13.75 20.77
N GLY A 171 -13.92 13.39 19.50
CA GLY A 171 -12.65 13.24 18.83
C GLY A 171 -12.14 11.82 18.73
N MET A 172 -12.69 10.94 19.56
CA MET A 172 -12.25 9.56 19.58
C MET A 172 -13.28 8.62 18.95
N GLY A 173 -12.77 7.64 18.20
CA GLY A 173 -13.60 6.64 17.56
C GLY A 173 -12.84 5.33 17.53
N VAL A 174 -13.54 4.26 17.19
CA VAL A 174 -12.93 2.94 17.21
C VAL A 174 -12.79 2.38 15.80
N ASN A 175 -11.58 1.97 15.45
CA ASN A 175 -11.33 1.39 14.14
C ASN A 175 -11.28 -0.13 14.24
N TRP A 176 -11.16 -0.81 13.10
CA TRP A 176 -11.04 -2.25 13.08
C TRP A 176 -10.05 -2.71 12.01
N VAL A 177 -9.11 -3.55 12.42
CA VAL A 177 -8.02 -3.98 11.55
C VAL A 177 -7.89 -5.50 11.52
N LYS A 178 -7.76 -6.05 10.33
CA LYS A 178 -7.59 -7.48 10.13
C LYS A 178 -6.19 -7.77 9.59
N GLN A 179 -5.56 -8.82 10.10
CA GLN A 179 -4.25 -9.22 9.61
C GLN A 179 -4.29 -10.63 9.05
N SER A 180 -4.16 -10.75 7.73
CA SER A 180 -4.07 -12.07 7.13
C SER A 180 -2.59 -12.37 6.91
N PRO A 181 -2.11 -13.45 7.55
CA PRO A 181 -0.68 -13.78 7.49
C PRO A 181 -0.19 -13.94 6.06
N GLY A 182 0.88 -13.23 5.72
CA GLY A 182 1.44 -13.27 4.38
C GLY A 182 0.70 -12.33 3.43
N LYS A 183 -0.52 -11.96 3.80
CA LYS A 183 -1.33 -11.06 2.99
C LYS A 183 -1.17 -9.62 3.49
N GLY A 184 -0.37 -9.46 4.54
CA GLY A 184 -0.12 -8.14 5.11
C GLY A 184 -1.27 -7.63 5.95
N LEU A 185 -1.32 -6.31 6.14
CA LEU A 185 -2.31 -5.68 7.01
C LEU A 185 -3.44 -5.03 6.22
N GLU A 186 -4.63 -5.07 6.78
CA GLU A 186 -5.83 -4.61 6.08
C GLU A 186 -6.75 -3.83 7.01
N TRP A 187 -7.42 -2.82 6.47
CA TRP A 187 -8.37 -2.03 7.25
C TRP A 187 -9.80 -2.38 6.86
N LEU A 188 -10.70 -2.35 7.83
CA LEU A 188 -12.07 -2.80 7.60
C LEU A 188 -13.12 -1.72 7.90
N ALA A 189 -13.30 -1.41 9.18
CA ALA A 189 -14.39 -0.52 9.57
C ALA A 189 -14.01 0.42 10.70
N HIS A 190 -14.82 1.45 10.89
CA HIS A 190 -14.60 2.42 11.96
C HIS A 190 -15.92 2.94 12.49
N ILE A 191 -15.98 3.16 13.79
CA ILE A 191 -17.15 3.75 14.42
C ILE A 191 -16.76 4.93 15.30
N TYR A 192 -17.31 6.09 14.99
CA TYR A 192 -17.01 7.32 15.72
C TYR A 192 -17.75 7.34 17.06
N TRP A 193 -17.51 8.39 17.85
CA TRP A 193 -18.23 8.55 19.11
C TRP A 193 -19.65 9.02 18.83
N ASP A 194 -19.83 9.67 17.68
CA ASP A 194 -21.14 10.14 17.26
C ASP A 194 -21.85 9.04 16.47
N ASP A 195 -21.23 7.87 16.43
CA ASP A 195 -21.84 6.63 15.93
C ASP A 195 -21.87 6.53 14.40
N ASP A 196 -21.40 7.55 13.69
CA ASP A 196 -21.26 7.43 12.24
C ASP A 196 -20.30 6.30 11.87
N LYS A 197 -20.76 5.38 11.04
CA LYS A 197 -19.94 4.25 10.65
C LYS A 197 -19.57 4.32 9.18
N ARG A 198 -18.32 4.02 8.89
CA ARG A 198 -17.85 3.85 7.53
C ARG A 198 -17.18 2.49 7.44
N TYR A 199 -17.45 1.75 6.37
CA TYR A 199 -16.87 0.42 6.23
C TYR A 199 -15.90 0.42 5.05
N ASN A 200 -15.27 -0.72 4.80
CA ASN A 200 -14.39 -0.84 3.65
C ASN A 200 -15.20 -1.34 2.46
N PRO A 201 -15.02 -0.71 1.30
CA PRO A 201 -15.74 -1.08 0.08
C PRO A 201 -15.45 -2.51 -0.38
N SER A 202 -14.24 -3.01 -0.11
CA SER A 202 -13.87 -4.35 -0.53
C SER A 202 -14.65 -5.42 0.23
N LEU A 203 -15.25 -5.02 1.34
CA LEU A 203 -16.05 -5.93 2.15
C LEU A 203 -17.43 -6.15 1.53
N LYS A 204 -17.74 -5.41 0.47
CA LYS A 204 -19.06 -5.45 -0.16
C LYS A 204 -20.16 -5.17 0.85
N SER A 205 -19.87 -4.31 1.83
CA SER A 205 -20.82 -3.90 2.86
C SER A 205 -21.50 -5.09 3.53
N ARG A 206 -20.76 -6.17 3.73
CA ARG A 206 -21.27 -7.33 4.46
C ARG A 206 -21.25 -7.02 5.95
N ALA A 207 -20.18 -6.37 6.40
CA ALA A 207 -19.99 -6.11 7.82
C ALA A 207 -20.88 -4.98 8.31
N THR A 208 -21.38 -5.13 9.53
CA THR A 208 -22.20 -4.09 10.16
C THR A 208 -21.76 -3.89 11.61
N LEU A 209 -21.38 -2.67 11.94
CA LEU A 209 -20.92 -2.37 13.29
C LEU A 209 -22.08 -2.22 14.27
N THR A 210 -21.79 -2.50 15.54
CA THR A 210 -22.76 -2.37 16.61
C THR A 210 -22.02 -1.90 17.86
N VAL A 211 -22.72 -1.19 18.74
CA VAL A 211 -22.10 -0.70 19.96
C VAL A 211 -23.07 -0.79 21.13
N ASP A 212 -22.60 -1.35 22.24
CA ASP A 212 -23.36 -1.32 23.49
C ASP A 212 -22.77 -0.25 24.39
N LYS A 213 -23.49 0.85 24.55
CA LYS A 213 -22.97 2.01 25.26
C LYS A 213 -22.93 1.78 26.77
N SER A 214 -23.79 0.88 27.24
CA SER A 214 -23.87 0.56 28.66
C SER A 214 -22.57 -0.07 29.16
N SER A 215 -22.16 -1.17 28.55
CA SER A 215 -20.96 -1.87 28.96
C SER A 215 -19.77 -1.40 28.13
N SER A 216 -20.02 -0.44 27.24
CA SER A 216 -19.00 0.15 26.38
C SER A 216 -18.27 -0.91 25.54
N THR A 217 -19.03 -1.83 24.96
CA THR A 217 -18.44 -2.83 24.07
C THR A 217 -18.86 -2.57 22.62
N VAL A 218 -17.89 -2.59 21.71
CA VAL A 218 -18.15 -2.40 20.30
C VAL A 218 -18.18 -3.73 19.56
N TYR A 219 -19.27 -3.99 18.85
CA TYR A 219 -19.43 -5.25 18.13
C TYR A 219 -19.17 -5.10 16.64
N LEU A 220 -18.54 -6.12 16.05
CA LEU A 220 -18.37 -6.16 14.61
C LEU A 220 -18.89 -7.50 14.08
N GLU A 221 -19.86 -7.43 13.19
CA GLU A 221 -20.47 -8.63 12.66
C GLU A 221 -20.11 -8.82 11.18
N LEU A 222 -19.79 -10.05 10.80
CA LEU A 222 -19.48 -10.36 9.42
C LEU A 222 -20.43 -11.43 8.87
N ARG A 223 -21.13 -11.10 7.79
CA ARG A 223 -22.13 -12.01 7.22
C ARG A 223 -21.55 -12.87 6.10
N SER A 224 -21.98 -14.13 6.05
CA SER A 224 -21.61 -15.07 5.00
C SER A 224 -20.10 -15.19 4.82
N LEU A 225 -19.44 -15.79 5.81
CA LEU A 225 -17.99 -15.94 5.80
C LEU A 225 -17.48 -16.85 4.68
N THR A 226 -16.29 -16.53 4.16
CA THR A 226 -15.61 -17.39 3.21
C THR A 226 -14.21 -17.70 3.72
N SER A 227 -13.40 -18.38 2.91
CA SER A 227 -12.07 -18.80 3.33
C SER A 227 -11.08 -17.64 3.44
N GLU A 228 -11.24 -16.63 2.60
CA GLU A 228 -10.33 -15.50 2.60
C GLU A 228 -10.60 -14.59 3.79
N ASP A 229 -11.76 -14.79 4.41
CA ASP A 229 -12.13 -14.01 5.59
C ASP A 229 -11.52 -14.59 6.85
N SER A 230 -10.79 -15.70 6.70
CA SER A 230 -10.14 -16.32 7.84
C SER A 230 -8.87 -15.55 8.18
N SER A 231 -8.84 -15.00 9.39
CA SER A 231 -7.71 -14.20 9.85
C SER A 231 -7.82 -13.87 11.33
N VAL A 232 -6.84 -13.12 11.83
CA VAL A 232 -6.90 -12.56 13.16
C VAL A 232 -7.30 -11.08 13.06
N TYR A 233 -8.32 -10.69 13.82
CA TYR A 233 -8.87 -9.34 13.73
C TYR A 233 -8.50 -8.51 14.95
N TYR A 234 -8.19 -7.24 14.73
CA TYR A 234 -7.76 -6.37 15.81
C TYR A 234 -8.75 -5.23 16.06
N CYS A 235 -8.82 -4.79 17.31
CA CYS A 235 -9.61 -3.62 17.67
C CYS A 235 -8.67 -2.47 17.94
N ALA A 236 -8.91 -1.32 17.32
CA ALA A 236 -8.00 -0.20 17.44
C ALA A 236 -8.74 1.11 17.71
N ARG A 237 -8.18 1.92 18.60
CA ARG A 237 -8.78 3.19 18.97
C ARG A 237 -8.14 4.36 18.25
N ARG A 238 -8.94 5.11 17.49
CA ARG A 238 -8.47 6.37 16.96
C ARG A 238 -8.34 7.33 18.13
N GLY A 239 -7.15 7.89 18.32
CA GLY A 239 -6.91 8.75 19.46
C GLY A 239 -7.65 10.07 19.37
N GLY A 240 -7.45 10.92 20.36
CA GLY A 240 -8.06 12.23 20.35
C GLY A 240 -7.40 13.12 19.32
N SER A 241 -7.81 14.39 19.26
CA SER A 241 -7.19 15.31 18.33
C SER A 241 -5.76 15.62 18.74
N SER A 242 -5.44 15.38 20.00
CA SER A 242 -4.08 15.57 20.49
C SER A 242 -3.16 14.58 19.79
N HIS A 243 -3.68 13.39 19.49
CA HIS A 243 -2.93 12.36 18.79
C HIS A 243 -3.22 12.37 17.29
N TYR A 244 -4.06 13.30 16.86
CA TYR A 244 -4.41 13.45 15.44
C TYR A 244 -5.00 12.18 14.82
N TYR A 245 -5.85 11.50 15.58
CA TYR A 245 -6.62 10.36 15.10
C TYR A 245 -5.71 9.26 14.58
N ALA A 246 -4.93 8.71 15.50
CA ALA A 246 -4.00 7.63 15.23
C ALA A 246 -4.39 6.49 16.15
N MET A 247 -3.87 5.29 15.90
CA MET A 247 -4.25 4.20 16.78
C MET A 247 -3.16 4.03 17.81
N ASP A 248 -3.43 4.56 18.99
CA ASP A 248 -2.50 4.54 20.12
C ASP A 248 -2.60 3.26 20.92
N TYR A 249 -3.83 2.82 21.13
CA TYR A 249 -4.09 1.63 21.92
C TYR A 249 -4.78 0.57 21.08
N TRP A 250 -4.29 -0.65 21.20
CA TRP A 250 -4.75 -1.75 20.36
C TRP A 250 -5.31 -2.88 21.20
N GLY A 251 -6.13 -3.71 20.58
CA GLY A 251 -6.66 -4.88 21.26
C GLY A 251 -5.65 -6.00 21.28
N GLN A 252 -6.00 -7.07 21.98
CA GLN A 252 -5.19 -8.28 21.99
C GLN A 252 -5.32 -8.98 20.64
N GLY A 253 -6.48 -8.80 20.03
CA GLY A 253 -6.82 -9.43 18.77
C GLY A 253 -7.64 -10.68 19.02
N THR A 254 -8.55 -10.98 18.10
CA THR A 254 -9.34 -12.20 18.18
C THR A 254 -9.12 -12.96 16.89
N THR A 255 -9.18 -14.28 16.97
CA THR A 255 -8.81 -15.11 15.82
C THR A 255 -10.01 -15.86 15.25
N VAL A 256 -10.22 -15.71 13.95
CA VAL A 256 -11.37 -16.29 13.27
C VAL A 256 -10.93 -17.24 12.17
N THR A 257 -11.50 -18.44 12.16
CA THR A 257 -11.17 -19.45 11.15
C THR A 257 -12.44 -20.11 10.60
N VAL A 258 -12.40 -20.51 9.34
CA VAL A 258 -13.55 -21.19 8.73
C VAL A 258 -13.19 -22.60 8.24
N SER A 259 -14.22 -23.44 8.10
CA SER A 259 -14.03 -24.81 7.65
C SER A 259 -14.27 -24.93 6.15
N ASP B 6 -26.60 28.42 16.27
CA ASP B 6 -27.05 29.47 17.17
C ASP B 6 -26.34 29.44 18.51
N ILE B 7 -25.05 29.79 18.47
CA ILE B 7 -24.26 29.86 19.68
C ILE B 7 -24.00 31.32 20.06
N VAL B 8 -24.43 31.70 21.25
CA VAL B 8 -24.26 33.09 21.68
C VAL B 8 -23.09 33.22 22.63
N MET B 9 -22.06 33.93 22.16
CA MET B 9 -20.87 34.15 22.97
C MET B 9 -21.15 35.33 23.89
N THR B 10 -20.94 35.11 25.19
CA THR B 10 -21.26 36.12 26.18
C THR B 10 -20.47 37.39 25.92
N GLN B 11 -21.13 38.53 26.16
CA GLN B 11 -20.55 39.83 25.86
C GLN B 11 -19.26 40.06 26.62
N THR B 12 -19.28 39.86 27.95
CA THR B 12 -18.07 39.92 28.78
C THR B 12 -17.60 41.40 28.86
N PRO B 13 -16.61 41.74 29.71
CA PRO B 13 -16.50 43.15 30.13
C PRO B 13 -16.27 44.17 29.01
N SER B 14 -17.35 44.52 28.33
CA SER B 14 -17.35 45.42 27.17
C SER B 14 -16.53 46.70 27.33
N SER B 15 -16.64 47.35 28.48
CA SER B 15 -15.83 48.54 28.74
C SER B 15 -14.59 48.17 29.54
N LEU B 16 -13.42 48.40 28.98
CA LEU B 16 -12.19 48.08 29.67
C LEU B 16 -11.18 49.22 29.64
N PRO B 17 -11.36 50.20 30.53
CA PRO B 17 -10.37 51.26 30.73
C PRO B 17 -9.18 50.78 31.55
N VAL B 18 -7.97 51.21 31.20
CA VAL B 18 -6.78 50.92 31.97
C VAL B 18 -5.72 51.99 31.75
N SER B 19 -4.81 52.11 32.70
CA SER B 19 -3.64 52.94 32.51
C SER B 19 -2.61 52.06 31.82
N LEU B 20 -1.47 52.63 31.46
CA LEU B 20 -0.44 51.85 30.79
C LEU B 20 0.32 50.97 31.78
N GLY B 21 0.72 49.78 31.34
CA GLY B 21 1.46 48.86 32.18
C GLY B 21 0.59 48.10 33.16
N ASP B 22 -0.67 48.50 33.25
CA ASP B 22 -1.64 47.83 34.11
C ASP B 22 -1.96 46.46 33.57
N GLN B 23 -2.16 45.49 34.47
CA GLN B 23 -2.55 44.17 34.04
C GLN B 23 -3.96 44.27 33.47
N ALA B 24 -4.23 43.50 32.41
CA ALA B 24 -5.52 43.55 31.75
C ALA B 24 -5.97 42.15 31.37
N SER B 25 -7.21 41.83 31.66
CA SER B 25 -7.74 40.52 31.36
C SER B 25 -9.16 40.61 30.82
N ILE B 26 -9.42 39.92 29.73
CA ILE B 26 -10.73 39.90 29.10
C ILE B 26 -11.24 38.47 29.18
N SER B 27 -12.56 38.29 29.17
CA SER B 27 -13.14 36.96 29.25
C SER B 27 -14.04 36.66 28.05
N CYS B 28 -14.35 35.39 27.82
CA CYS B 28 -15.38 35.01 26.86
C CYS B 28 -16.11 33.77 27.35
N ARG B 29 -17.43 33.77 27.26
CA ARG B 29 -18.22 32.63 27.69
C ARG B 29 -19.25 32.24 26.63
N SER B 30 -19.45 30.94 26.47
CA SER B 30 -20.33 30.43 25.43
C SER B 30 -21.60 29.80 25.99
N SER B 31 -22.68 29.90 25.23
CA SER B 31 -23.94 29.27 25.59
C SER B 31 -23.76 27.76 25.78
N GLN B 32 -23.48 27.07 24.69
CA GLN B 32 -23.23 25.63 24.73
C GLN B 32 -21.74 25.32 24.64
N SER B 33 -21.42 24.04 24.58
CA SER B 33 -20.05 23.59 24.42
C SER B 33 -19.53 23.85 23.01
N ILE B 34 -18.39 24.53 22.92
CA ILE B 34 -17.80 24.87 21.63
C ILE B 34 -16.82 23.79 21.21
N VAL B 35 -16.70 22.75 22.01
CA VAL B 35 -15.80 21.66 21.66
C VAL B 35 -16.38 20.93 20.45
N HIS B 36 -15.59 20.92 19.38
CA HIS B 36 -16.01 20.46 18.07
C HIS B 36 -15.89 18.96 17.95
N SER B 37 -16.83 18.34 17.23
CA SER B 37 -16.65 16.95 16.83
C SER B 37 -15.34 16.89 16.06
N ASN B 38 -14.57 15.84 16.31
CA ASN B 38 -13.12 15.72 16.04
C ASN B 38 -12.27 16.20 17.23
N GLY B 39 -12.94 16.74 18.25
CA GLY B 39 -12.30 16.99 19.52
C GLY B 39 -11.43 18.24 19.66
N ASN B 40 -11.29 19.01 18.58
CA ASN B 40 -10.57 20.27 18.67
C ASN B 40 -11.55 21.37 19.02
N THR B 41 -11.10 22.35 19.80
CA THR B 41 -11.93 23.52 20.07
C THR B 41 -11.31 24.72 19.40
N TYR B 42 -11.97 25.26 18.38
CA TYR B 42 -11.43 26.39 17.66
C TYR B 42 -11.97 27.68 18.28
N LEU B 43 -11.08 28.40 18.97
CA LEU B 43 -11.44 29.69 19.54
C LEU B 43 -10.35 30.70 19.20
N GLU B 44 -10.76 31.85 18.70
CA GLU B 44 -9.80 32.85 18.27
C GLU B 44 -10.10 34.22 18.87
N TRP B 45 -9.05 35.03 19.02
CA TRP B 45 -9.19 36.38 19.55
C TRP B 45 -8.66 37.38 18.54
N TYR B 46 -9.42 38.45 18.31
CA TYR B 46 -9.06 39.45 17.31
C TYR B 46 -8.97 40.84 17.93
N LEU B 47 -8.24 41.73 17.26
CA LEU B 47 -8.10 43.12 17.70
C LEU B 47 -8.47 44.01 16.53
N GLN B 48 -9.25 45.04 16.79
CA GLN B 48 -9.59 45.98 15.74
C GLN B 48 -9.22 47.39 16.16
N LYS B 49 -8.26 47.97 15.45
CA LYS B 49 -7.96 49.38 15.58
C LYS B 49 -9.14 50.15 15.01
N PRO B 50 -9.39 51.38 15.50
CA PRO B 50 -10.59 52.12 15.09
C PRO B 50 -10.75 52.23 13.58
N GLY B 51 -9.68 52.56 12.86
CA GLY B 51 -9.73 52.64 11.42
C GLY B 51 -9.41 51.35 10.69
N GLN B 52 -8.60 50.50 11.32
CA GLN B 52 -8.03 49.33 10.65
C GLN B 52 -8.98 48.16 10.47
N SER B 53 -8.47 47.13 9.82
CA SER B 53 -9.18 45.87 9.71
C SER B 53 -8.83 45.00 10.91
N PRO B 54 -9.69 44.03 11.23
CA PRO B 54 -9.44 43.12 12.35
C PRO B 54 -8.09 42.41 12.24
N LYS B 55 -7.43 42.24 13.38
CA LYS B 55 -6.10 41.64 13.44
C LYS B 55 -6.19 40.43 14.35
N LEU B 56 -5.70 39.28 13.88
CA LEU B 56 -5.86 38.06 14.65
C LEU B 56 -4.78 37.92 15.70
N LEU B 57 -5.20 37.95 16.96
CA LEU B 57 -4.30 37.81 18.09
C LEU B 57 -4.00 36.36 18.42
N ILE B 58 -5.02 35.52 18.39
CA ILE B 58 -4.93 34.18 18.97
C ILE B 58 -5.70 33.12 18.16
N TYR B 59 -5.08 31.97 17.97
CA TYR B 59 -5.75 30.86 17.28
C TYR B 59 -5.74 29.61 18.17
N LYS B 60 -6.86 28.88 18.16
CA LYS B 60 -7.04 27.70 19.00
C LYS B 60 -6.67 27.95 20.46
N VAL B 61 -7.47 28.76 21.14
CA VAL B 61 -7.32 28.98 22.58
C VAL B 61 -5.91 29.44 22.96
N SER B 62 -5.20 28.61 23.73
CA SER B 62 -3.87 28.94 24.26
C SER B 62 -2.87 29.46 23.21
N ASN B 63 -2.83 28.80 22.06
CA ASN B 63 -1.86 29.17 21.03
C ASN B 63 -2.11 30.57 20.47
N ARG B 64 -1.05 31.17 19.92
CA ARG B 64 -1.13 32.55 19.43
C ARG B 64 -0.42 32.74 18.08
N PHE B 65 -0.85 33.76 17.35
CA PHE B 65 -0.35 34.04 16.01
C PHE B 65 1.09 34.58 16.03
N SER B 66 1.77 34.45 14.90
CA SER B 66 3.13 34.96 14.75
C SER B 66 3.11 36.49 14.71
N GLY B 67 4.18 37.12 15.15
CA GLY B 67 4.26 38.57 15.15
C GLY B 67 3.45 39.20 16.28
N VAL B 68 2.79 38.36 17.08
CA VAL B 68 2.04 38.82 18.23
C VAL B 68 2.93 38.78 19.47
N PRO B 69 3.05 39.92 20.18
CA PRO B 69 3.95 40.09 21.32
C PRO B 69 3.77 39.02 22.40
N ASP B 70 4.85 38.78 23.15
CA ASP B 70 4.95 37.63 24.04
C ASP B 70 3.86 37.54 25.10
N ARG B 71 3.31 38.65 25.56
CA ARG B 71 2.34 38.54 26.64
C ARG B 71 0.89 38.67 26.16
N PHE B 72 0.27 37.50 25.97
CA PHE B 72 -1.17 37.33 25.82
C PHE B 72 -1.43 35.89 26.23
N SER B 73 -2.56 35.59 26.86
CA SER B 73 -2.89 34.18 27.07
C SER B 73 -4.36 33.86 26.87
N GLY B 74 -4.67 33.03 25.88
CA GLY B 74 -5.96 32.38 25.88
C GLY B 74 -5.88 31.37 27.01
N SER B 75 -6.74 31.50 28.01
CA SER B 75 -6.73 30.58 29.13
C SER B 75 -7.85 29.55 29.03
N GLY B 76 -8.60 29.63 27.95
CA GLY B 76 -9.88 28.93 27.83
C GLY B 76 -9.89 27.45 28.15
N SER B 77 -10.87 27.06 28.95
CA SER B 77 -11.11 25.66 29.29
C SER B 77 -12.61 25.40 29.37
N GLY B 78 -13.08 24.36 28.71
CA GLY B 78 -14.49 24.06 28.67
C GLY B 78 -15.28 25.11 27.90
N THR B 79 -16.31 25.66 28.53
CA THR B 79 -17.10 26.72 27.92
C THR B 79 -16.62 28.11 28.35
N ASP B 80 -15.63 28.14 29.23
CA ASP B 80 -15.09 29.40 29.73
C ASP B 80 -13.78 29.75 29.02
N PHE B 81 -13.65 31.00 28.62
CA PHE B 81 -12.45 31.48 27.93
C PHE B 81 -12.08 32.87 28.43
N THR B 82 -10.79 33.16 28.43
CA THR B 82 -10.33 34.49 28.80
C THR B 82 -8.98 34.85 28.17
N LEU B 83 -8.72 36.14 28.05
CA LEU B 83 -7.47 36.63 27.48
C LEU B 83 -6.82 37.64 28.41
N LYS B 84 -5.57 37.40 28.76
CA LYS B 84 -4.88 38.21 29.75
C LYS B 84 -3.69 38.94 29.15
N ILE B 85 -3.52 40.21 29.54
CA ILE B 85 -2.35 40.99 29.17
C ILE B 85 -1.66 41.50 30.42
N SER B 86 -0.44 41.03 30.67
CA SER B 86 0.28 41.39 31.88
C SER B 86 0.74 42.86 31.82
N ARG B 87 1.25 43.25 30.66
CA ARG B 87 1.71 44.62 30.47
C ARG B 87 1.06 45.20 29.22
N VAL B 88 0.40 46.35 29.37
CA VAL B 88 -0.27 47.02 28.25
C VAL B 88 0.62 48.13 27.70
N GLU B 89 0.69 48.22 26.37
CA GLU B 89 1.48 49.26 25.72
C GLU B 89 0.62 50.06 24.76
N ALA B 90 1.25 50.99 24.04
CA ALA B 90 0.54 51.94 23.18
C ALA B 90 -0.38 51.28 22.16
N GLU B 91 0.21 50.58 21.20
CA GLU B 91 -0.57 50.01 20.09
C GLU B 91 -1.47 48.87 20.56
N ASP B 92 -1.24 48.40 21.78
CA ASP B 92 -2.05 47.33 22.36
C ASP B 92 -3.50 47.75 22.51
N LEU B 93 -3.75 49.07 22.52
CA LEU B 93 -5.10 49.61 22.58
C LEU B 93 -5.93 49.33 21.33
N GLY B 94 -7.25 49.26 21.52
CA GLY B 94 -8.18 48.98 20.44
C GLY B 94 -9.40 48.32 21.03
N ILE B 95 -10.19 47.65 20.19
CA ILE B 95 -11.34 46.91 20.69
C ILE B 95 -11.21 45.45 20.25
N TYR B 96 -11.51 44.55 21.18
CA TYR B 96 -11.25 43.13 20.98
C TYR B 96 -12.53 42.34 20.77
N TYR B 97 -12.46 41.28 19.99
CA TYR B 97 -13.59 40.38 19.81
C TYR B 97 -13.16 38.94 20.07
N CYS B 98 -14.07 38.13 20.61
CA CYS B 98 -13.82 36.70 20.75
C CYS B 98 -14.64 35.94 19.72
N PHE B 99 -14.02 34.93 19.11
CA PHE B 99 -14.64 34.23 18.00
C PHE B 99 -14.48 32.72 18.13
N GLN B 100 -15.51 32.00 17.74
CA GLN B 100 -15.48 30.54 17.71
C GLN B 100 -15.66 30.03 16.28
N GLY B 101 -14.78 29.12 15.88
CA GLY B 101 -14.80 28.57 14.53
C GLY B 101 -15.29 27.15 14.48
N SER B 102 -16.01 26.72 15.51
CA SER B 102 -16.35 25.31 15.67
C SER B 102 -17.78 24.92 15.25
N LEU B 103 -18.76 25.29 16.05
CA LEU B 103 -20.10 24.74 15.90
C LEU B 103 -20.98 25.50 14.92
N VAL B 104 -21.49 24.77 13.92
CA VAL B 104 -22.54 25.25 13.01
C VAL B 104 -22.24 26.64 12.44
N PRO B 105 -23.19 27.55 12.64
CA PRO B 105 -23.01 28.94 12.26
C PRO B 105 -22.13 29.64 13.29
N PRO B 106 -20.94 30.08 12.86
CA PRO B 106 -20.00 30.68 13.81
C PRO B 106 -20.48 32.05 14.28
N THR B 107 -20.01 32.48 15.45
CA THR B 107 -20.44 33.75 16.00
C THR B 107 -19.32 34.46 16.74
N PHE B 108 -19.45 35.78 16.87
CA PHE B 108 -18.49 36.56 17.62
C PHE B 108 -19.08 36.88 18.99
N GLY B 109 -18.31 37.61 19.79
CA GLY B 109 -18.83 38.21 21.01
C GLY B 109 -19.19 39.65 20.71
N ALA B 110 -19.88 40.31 21.63
CA ALA B 110 -20.16 41.73 21.46
C ALA B 110 -18.87 42.54 21.53
N GLY B 111 -17.83 41.90 22.07
CA GLY B 111 -16.50 42.46 22.06
C GLY B 111 -16.21 43.42 23.20
N THR B 112 -14.92 43.64 23.45
CA THR B 112 -14.47 44.50 24.54
C THR B 112 -13.69 45.70 24.02
N LYS B 113 -14.08 46.89 24.45
CA LYS B 113 -13.36 48.10 24.09
C LYS B 113 -12.27 48.37 25.11
N LEU B 114 -11.02 48.33 24.66
CA LEU B 114 -9.90 48.65 25.53
C LEU B 114 -9.49 50.10 25.27
N GLU B 115 -9.74 50.96 26.23
CA GLU B 115 -9.45 52.38 26.06
C GLU B 115 -8.68 52.97 27.24
N LEU B 116 -7.70 53.81 26.93
CA LEU B 116 -6.89 54.47 27.94
C LEU B 116 -7.73 55.43 28.78
N LYS B 117 -7.61 55.35 30.09
CA LYS B 117 -8.28 56.31 30.96
C LYS B 117 -7.40 57.54 31.10
N ARG B 118 -7.95 58.71 30.79
CA ARG B 118 -7.16 59.93 30.76
C ARG B 118 -7.18 60.60 32.13
N GLY B 119 -6.37 61.66 32.29
CA GLY B 119 -6.25 62.35 33.55
C GLY B 119 -4.83 62.84 33.75
N GLY B 120 -4.53 63.31 34.96
CA GLY B 120 -3.17 63.68 35.31
C GLY B 120 -2.58 64.77 34.44
N GLN B 139 4.97 38.90 0.41
CA GLN B 139 4.02 38.58 1.46
C GLN B 139 2.64 38.28 0.88
N VAL B 140 1.63 38.30 1.75
CA VAL B 140 0.26 38.04 1.35
C VAL B 140 -0.59 39.30 1.49
N GLN B 141 -1.43 39.55 0.49
CA GLN B 141 -2.33 40.69 0.53
C GLN B 141 -3.69 40.33 -0.03
N LEU B 142 -4.74 40.87 0.60
CA LEU B 142 -6.08 40.74 0.07
C LEU B 142 -6.62 42.12 -0.27
N GLN B 143 -7.29 42.22 -1.41
CA GLN B 143 -7.81 43.49 -1.88
C GLN B 143 -9.29 43.34 -2.18
N GLN B 144 -10.06 44.37 -1.87
CA GLN B 144 -11.50 44.30 -2.02
C GLN B 144 -11.98 45.36 -2.97
N SER B 145 -13.22 45.21 -3.44
CA SER B 145 -13.76 46.14 -4.41
C SER B 145 -13.98 47.51 -3.77
N GLY B 146 -14.44 48.46 -4.57
CA GLY B 146 -14.69 49.80 -4.05
C GLY B 146 -16.00 49.83 -3.31
N PRO B 147 -16.33 51.00 -2.73
CA PRO B 147 -17.61 51.12 -2.05
C PRO B 147 -18.78 51.08 -3.03
N GLU B 148 -19.94 50.62 -2.56
CA GLU B 148 -21.11 50.52 -3.40
C GLU B 148 -22.30 51.22 -2.75
N ASP B 149 -22.86 52.21 -3.43
CA ASP B 149 -24.05 52.90 -2.94
C ASP B 149 -25.21 52.71 -3.92
N VAL B 150 -26.31 52.14 -3.44
CA VAL B 150 -27.40 51.74 -4.31
C VAL B 150 -28.75 51.80 -3.59
N LYS B 151 -29.82 51.97 -4.35
CA LYS B 151 -31.17 52.01 -3.79
C LYS B 151 -31.51 50.68 -3.13
N PRO B 152 -32.36 50.72 -2.09
CA PRO B 152 -32.80 49.49 -1.43
C PRO B 152 -33.56 48.58 -2.39
N GLY B 153 -33.53 47.28 -2.14
CA GLY B 153 -34.23 46.34 -2.98
C GLY B 153 -33.39 45.88 -4.16
N ALA B 154 -32.27 46.56 -4.39
CA ALA B 154 -31.40 46.22 -5.51
C ALA B 154 -30.41 45.15 -5.10
N SER B 155 -29.57 44.73 -6.03
CA SER B 155 -28.57 43.70 -5.74
C SER B 155 -27.17 44.13 -6.14
N VAL B 156 -26.18 43.76 -5.33
CA VAL B 156 -24.80 44.15 -5.58
C VAL B 156 -23.83 42.96 -5.49
N LYS B 157 -22.66 43.12 -6.09
CA LYS B 157 -21.61 42.12 -6.05
C LYS B 157 -20.25 42.78 -5.80
N ILE B 158 -19.47 42.20 -4.91
CA ILE B 158 -18.15 42.74 -4.58
C ILE B 158 -17.06 41.70 -4.82
N SER B 159 -15.82 42.17 -4.90
CA SER B 159 -14.70 41.29 -5.21
C SER B 159 -13.67 41.30 -4.09
N CYS B 160 -13.10 40.14 -3.79
CA CYS B 160 -11.95 40.06 -2.90
C CYS B 160 -10.81 39.34 -3.61
N LYS B 161 -9.73 40.05 -3.87
CA LYS B 161 -8.61 39.50 -4.63
C LYS B 161 -7.41 39.18 -3.74
N ALA B 162 -6.96 37.93 -3.81
CA ALA B 162 -5.88 37.46 -2.96
C ALA B 162 -4.60 37.21 -3.75
N SER B 163 -3.47 37.55 -3.15
CA SER B 163 -2.16 37.29 -3.75
C SER B 163 -1.19 36.83 -2.67
N GLY B 164 -0.20 36.03 -3.07
CA GLY B 164 0.75 35.48 -2.12
C GLY B 164 0.58 33.99 -1.88
N TYR B 165 -0.53 33.45 -2.35
CA TYR B 165 -0.80 32.01 -2.20
C TYR B 165 -1.85 31.55 -3.21
N SER B 166 -2.16 30.26 -3.18
CA SER B 166 -3.18 29.69 -4.05
C SER B 166 -4.46 29.39 -3.26
N LEU B 167 -5.58 29.95 -3.71
CA LEU B 167 -6.85 29.79 -3.01
C LEU B 167 -7.33 28.34 -3.04
N THR B 168 -6.89 27.60 -4.05
CA THR B 168 -7.33 26.23 -4.23
C THR B 168 -6.48 25.24 -3.43
N THR B 169 -5.50 25.75 -2.69
CA THR B 169 -4.66 24.89 -1.84
C THR B 169 -5.53 24.27 -0.74
N LYS B 170 -5.14 23.08 -0.29
CA LYS B 170 -5.94 22.34 0.68
C LYS B 170 -5.79 22.89 2.09
N GLY B 171 -6.91 23.00 2.80
CA GLY B 171 -6.92 23.48 4.17
C GLY B 171 -7.30 24.95 4.33
N MET B 172 -7.22 25.71 3.24
CA MET B 172 -7.53 27.13 3.30
C MET B 172 -8.84 27.48 2.59
N GLY B 173 -9.58 28.40 3.17
CA GLY B 173 -10.84 28.87 2.60
C GLY B 173 -11.04 30.33 2.92
N VAL B 174 -11.99 30.97 2.25
CA VAL B 174 -12.22 32.38 2.43
C VAL B 174 -13.59 32.64 3.07
N ASN B 175 -13.58 33.39 4.17
CA ASN B 175 -14.81 33.74 4.87
C ASN B 175 -15.24 35.15 4.50
N TRP B 176 -16.40 35.57 5.00
CA TRP B 176 -16.88 36.94 4.79
C TRP B 176 -17.52 37.48 6.06
N VAL B 177 -17.09 38.68 6.46
CA VAL B 177 -17.54 39.27 7.71
C VAL B 177 -18.08 40.67 7.48
N LYS B 178 -19.24 40.96 8.07
CA LYS B 178 -19.86 42.26 7.95
C LYS B 178 -19.83 42.96 9.30
N GLN B 179 -19.54 44.25 9.28
CA GLN B 179 -19.53 45.06 10.50
C GLN B 179 -20.54 46.19 10.38
N SER B 180 -21.62 46.11 11.14
CA SER B 180 -22.58 47.19 11.19
C SER B 180 -22.26 48.02 12.42
N PRO B 181 -21.98 49.32 12.22
CA PRO B 181 -21.53 50.18 13.32
C PRO B 181 -22.54 50.18 14.47
N GLY B 182 -22.04 49.90 15.67
CA GLY B 182 -22.87 49.84 16.86
C GLY B 182 -23.58 48.50 16.99
N LYS B 183 -23.67 47.76 15.89
CA LYS B 183 -24.32 46.45 15.90
C LYS B 183 -23.28 45.36 16.09
N GLY B 184 -22.02 45.76 16.21
CA GLY B 184 -20.95 44.82 16.43
C GLY B 184 -20.58 44.06 15.18
N LEU B 185 -19.98 42.89 15.37
CA LEU B 185 -19.46 42.10 14.26
C LEU B 185 -20.40 40.96 13.94
N GLU B 186 -20.47 40.59 12.66
CA GLU B 186 -21.42 39.59 12.20
C GLU B 186 -20.76 38.67 11.18
N TRP B 187 -21.15 37.40 11.18
CA TRP B 187 -20.60 36.44 10.22
C TRP B 187 -21.66 36.08 9.18
N LEU B 188 -21.23 35.87 7.94
CA LEU B 188 -22.17 35.64 6.85
C LEU B 188 -21.94 34.32 6.11
N ALA B 189 -20.88 34.26 5.32
CA ALA B 189 -20.67 33.11 4.45
C ALA B 189 -19.20 32.71 4.28
N HIS B 190 -19.00 31.51 3.76
CA HIS B 190 -17.67 30.97 3.51
C HIS B 190 -17.63 30.06 2.29
N ILE B 191 -16.51 30.10 1.58
CA ILE B 191 -16.27 29.24 0.44
C ILE B 191 -14.94 28.51 0.62
N TYR B 192 -14.97 27.19 0.61
CA TYR B 192 -13.77 26.39 0.80
C TYR B 192 -12.91 26.40 -0.45
N TRP B 193 -11.76 25.73 -0.41
CA TRP B 193 -10.91 25.62 -1.58
C TRP B 193 -11.51 24.61 -2.54
N ASP B 194 -12.29 23.69 -2.00
CA ASP B 194 -12.99 22.68 -2.80
C ASP B 194 -14.34 23.23 -3.21
N ASP B 195 -14.54 24.52 -2.90
CA ASP B 195 -15.67 25.31 -3.40
C ASP B 195 -17.00 25.05 -2.71
N ASP B 196 -17.04 24.11 -1.76
CA ASP B 196 -18.24 23.95 -0.95
C ASP B 196 -18.49 25.25 -0.20
N LYS B 197 -19.69 25.79 -0.35
CA LYS B 197 -20.03 27.07 0.26
C LYS B 197 -21.07 26.88 1.36
N ARG B 198 -20.89 27.59 2.47
CA ARG B 198 -21.91 27.59 3.52
C ARG B 198 -22.31 29.04 3.82
N TYR B 199 -23.61 29.27 3.96
CA TYR B 199 -24.12 30.61 4.22
C TYR B 199 -24.73 30.68 5.61
N ASN B 200 -25.16 31.88 5.98
CA ASN B 200 -25.83 32.09 7.26
C ASN B 200 -27.34 31.99 7.09
N PRO B 201 -28.01 31.27 8.00
CA PRO B 201 -29.47 31.13 7.92
C PRO B 201 -30.19 32.48 8.06
N SER B 202 -29.61 33.40 8.82
CA SER B 202 -30.21 34.71 9.03
C SER B 202 -30.17 35.55 7.76
N LEU B 203 -29.36 35.14 6.79
CA LEU B 203 -29.26 35.82 5.51
C LEU B 203 -30.46 35.49 4.63
N LYS B 204 -31.27 34.54 5.09
CA LYS B 204 -32.43 34.05 4.36
C LYS B 204 -32.07 33.57 2.95
N SER B 205 -30.86 33.02 2.84
CA SER B 205 -30.34 32.47 1.59
C SER B 205 -30.49 33.42 0.40
N ARG B 206 -30.31 34.71 0.64
CA ARG B 206 -30.34 35.69 -0.44
C ARG B 206 -29.01 35.70 -1.19
N ALA B 207 -27.92 35.63 -0.44
CA ALA B 207 -26.57 35.74 -0.99
C ALA B 207 -26.09 34.48 -1.70
N THR B 208 -25.33 34.65 -2.77
CA THR B 208 -24.72 33.54 -3.49
C THR B 208 -23.25 33.86 -3.81
N LEU B 209 -22.35 33.00 -3.36
CA LEU B 209 -20.92 33.19 -3.58
C LEU B 209 -20.51 32.76 -5.00
N THR B 210 -19.46 33.39 -5.52
CA THR B 210 -18.94 33.07 -6.85
C THR B 210 -17.43 33.24 -6.87
N VAL B 211 -16.75 32.50 -7.73
CA VAL B 211 -15.29 32.60 -7.81
C VAL B 211 -14.74 32.49 -9.24
N ASP B 212 -13.85 33.43 -9.58
CA ASP B 212 -13.11 33.37 -10.83
C ASP B 212 -11.69 32.87 -10.52
N LYS B 213 -11.41 31.65 -10.94
CA LYS B 213 -10.16 30.99 -10.57
C LYS B 213 -8.96 31.56 -11.31
N SER B 214 -9.20 32.17 -12.46
CA SER B 214 -8.14 32.77 -13.26
C SER B 214 -7.46 33.93 -12.53
N SER B 215 -8.25 34.94 -12.14
CA SER B 215 -7.72 36.14 -11.50
C SER B 215 -7.72 36.06 -9.97
N SER B 216 -8.16 34.93 -9.44
CA SER B 216 -8.21 34.69 -8.00
C SER B 216 -9.02 35.75 -7.25
N THR B 217 -10.17 36.12 -7.81
CA THR B 217 -11.08 37.03 -7.12
C THR B 217 -12.32 36.27 -6.67
N VAL B 218 -12.70 36.48 -5.42
CA VAL B 218 -13.90 35.84 -4.89
C VAL B 218 -15.06 36.84 -4.90
N TYR B 219 -16.16 36.45 -5.51
CA TYR B 219 -17.31 37.33 -5.62
C TYR B 219 -18.38 36.98 -4.58
N LEU B 220 -18.98 38.02 -4.02
CA LEU B 220 -20.11 37.85 -3.11
C LEU B 220 -21.26 38.74 -3.55
N GLU B 221 -22.40 38.13 -3.83
CA GLU B 221 -23.55 38.87 -4.32
C GLU B 221 -24.67 38.91 -3.28
N LEU B 222 -25.30 40.07 -3.14
CA LEU B 222 -26.43 40.22 -2.22
C LEU B 222 -27.68 40.69 -2.96
N ARG B 223 -28.74 39.91 -2.83
CA ARG B 223 -29.99 40.18 -3.54
C ARG B 223 -30.95 40.98 -2.67
N SER B 224 -31.64 41.93 -3.29
CA SER B 224 -32.69 42.70 -2.62
C SER B 224 -32.22 43.38 -1.32
N LEU B 225 -31.34 44.37 -1.44
CA LEU B 225 -30.79 45.06 -0.28
C LEU B 225 -31.82 45.87 0.51
N THR B 226 -31.63 45.93 1.82
CA THR B 226 -32.41 46.78 2.70
C THR B 226 -31.49 47.68 3.50
N SER B 227 -32.05 48.42 4.45
CA SER B 227 -31.28 49.36 5.25
C SER B 227 -30.37 48.65 6.25
N GLU B 228 -30.79 47.48 6.70
CA GLU B 228 -30.03 46.71 7.68
C GLU B 228 -28.83 46.04 7.02
N ASP B 229 -28.86 45.99 5.69
CA ASP B 229 -27.75 45.44 4.94
C ASP B 229 -26.68 46.51 4.71
N SER B 230 -26.96 47.72 5.19
CA SER B 230 -25.99 48.80 5.04
C SER B 230 -24.91 48.62 6.09
N SER B 231 -23.68 48.41 5.61
CA SER B 231 -22.54 48.18 6.47
C SER B 231 -21.23 48.16 5.69
N VAL B 232 -20.14 47.93 6.40
CA VAL B 232 -18.86 47.67 5.77
C VAL B 232 -18.57 46.17 5.81
N TYR B 233 -18.23 45.59 4.67
CA TYR B 233 -18.01 44.15 4.59
C TYR B 233 -16.53 43.82 4.45
N TYR B 234 -16.09 42.77 5.13
CA TYR B 234 -14.69 42.38 5.09
C TYR B 234 -14.46 41.02 4.45
N CYS B 235 -13.31 40.87 3.81
CA CYS B 235 -12.87 39.60 3.26
C CYS B 235 -11.77 39.04 4.16
N ALA B 236 -11.94 37.79 4.58
CA ALA B 236 -11.00 37.20 5.51
C ALA B 236 -10.63 35.81 5.08
N ARG B 237 -9.35 35.47 5.21
CA ARG B 237 -8.85 34.17 4.80
C ARG B 237 -8.72 33.22 5.98
N ARG B 238 -9.45 32.11 5.93
CA ARG B 238 -9.21 31.05 6.89
C ARG B 238 -7.84 30.46 6.56
N GLY B 239 -6.94 30.45 7.53
CA GLY B 239 -5.58 30.00 7.29
C GLY B 239 -5.49 28.52 7.05
N GLY B 240 -4.28 28.01 6.88
CA GLY B 240 -4.09 26.59 6.69
C GLY B 240 -4.35 25.84 7.98
N SER B 241 -4.11 24.53 7.96
CA SER B 241 -4.29 23.72 9.16
C SER B 241 -3.25 24.09 10.21
N SER B 242 -2.17 24.72 9.75
CA SER B 242 -1.13 25.20 10.65
C SER B 242 -1.67 26.30 11.56
N HIS B 243 -2.60 27.08 11.04
CA HIS B 243 -3.22 28.16 11.78
C HIS B 243 -4.56 27.72 12.39
N TYR B 244 -4.90 26.45 12.19
CA TYR B 244 -6.13 25.85 12.71
C TYR B 244 -7.39 26.59 12.27
N TYR B 245 -7.39 27.00 10.99
CA TYR B 245 -8.56 27.61 10.36
C TYR B 245 -9.00 28.84 11.13
N ALA B 246 -8.11 29.83 11.13
CA ALA B 246 -8.34 31.11 11.78
C ALA B 246 -8.18 32.14 10.70
N MET B 247 -8.61 33.37 10.94
CA MET B 247 -8.46 34.34 9.87
C MET B 247 -7.19 35.12 10.16
N ASP B 248 -6.14 34.73 9.43
CA ASP B 248 -4.82 35.34 9.57
C ASP B 248 -4.69 36.59 8.73
N TYR B 249 -5.21 36.54 7.52
CA TYR B 249 -5.12 37.67 6.62
C TYR B 249 -6.50 38.19 6.27
N TRP B 250 -6.65 39.51 6.36
CA TRP B 250 -7.94 40.16 6.19
C TRP B 250 -7.92 41.14 5.04
N GLY B 251 -9.10 41.46 4.52
CA GLY B 251 -9.20 42.45 3.46
C GLY B 251 -9.17 43.86 4.00
N GLN B 252 -9.13 44.82 3.09
CA GLN B 252 -9.22 46.23 3.45
C GLN B 252 -10.64 46.54 3.88
N GLY B 253 -11.59 45.82 3.30
CA GLY B 253 -13.00 46.03 3.57
C GLY B 253 -13.63 46.90 2.50
N THR B 254 -14.91 46.64 2.22
CA THR B 254 -15.66 47.49 1.31
C THR B 254 -16.89 48.00 2.06
N THR B 255 -17.32 49.21 1.72
CA THR B 255 -18.38 49.86 2.47
C THR B 255 -19.63 50.00 1.59
N VAL B 256 -20.74 49.49 2.09
CA VAL B 256 -21.98 49.48 1.32
C VAL B 256 -23.10 50.21 2.07
N THR B 257 -23.77 51.13 1.36
CA THR B 257 -24.87 51.90 1.95
C THR B 257 -26.05 51.96 0.99
N VAL B 258 -27.26 52.02 1.55
CA VAL B 258 -28.47 52.13 0.74
C VAL B 258 -29.22 53.42 1.07
N SER B 259 -30.05 53.88 0.12
CA SER B 259 -30.79 55.11 0.30
C SER B 259 -32.21 54.83 0.81
N ASP C 6 14.13 -32.05 -9.87
CA ASP C 6 12.98 -31.15 -9.87
C ASP C 6 11.77 -31.76 -9.15
N ILE C 7 11.87 -31.89 -7.84
CA ILE C 7 10.78 -32.40 -7.04
C ILE C 7 10.10 -31.28 -6.26
N VAL C 8 8.80 -31.08 -6.49
CA VAL C 8 8.08 -30.01 -5.81
C VAL C 8 7.22 -30.57 -4.67
N MET C 9 7.59 -30.21 -3.45
CA MET C 9 6.87 -30.66 -2.27
C MET C 9 5.69 -29.75 -2.00
N THR C 10 4.50 -30.34 -1.89
CA THR C 10 3.26 -29.58 -1.76
C THR C 10 3.25 -28.72 -0.50
N GLN C 11 2.67 -27.52 -0.63
CA GLN C 11 2.64 -26.53 0.44
C GLN C 11 1.93 -27.03 1.70
N THR C 12 0.69 -27.50 1.55
CA THR C 12 -0.07 -28.09 2.65
C THR C 12 -0.46 -26.98 3.66
N PRO C 13 -1.33 -27.26 4.67
CA PRO C 13 -2.03 -26.13 5.31
C PRO C 13 -1.12 -25.10 6.00
N SER C 14 -0.56 -24.22 5.18
CA SER C 14 0.40 -23.20 5.58
C SER C 14 0.01 -22.42 6.83
N SER C 15 -1.26 -22.03 6.94
CA SER C 15 -1.72 -21.37 8.16
C SER C 15 -2.37 -22.41 9.05
N LEU C 16 -1.80 -22.61 10.23
CA LEU C 16 -2.34 -23.59 11.17
C LEU C 16 -2.46 -23.00 12.56
N PRO C 17 -3.56 -22.27 12.80
CA PRO C 17 -3.86 -21.79 14.15
C PRO C 17 -4.39 -22.89 15.06
N VAL C 18 -3.96 -22.90 16.32
CA VAL C 18 -4.49 -23.83 17.32
C VAL C 18 -4.35 -23.24 18.71
N SER C 19 -5.20 -23.70 19.62
CA SER C 19 -5.03 -23.40 21.04
C SER C 19 -4.13 -24.46 21.64
N LEU C 20 -3.80 -24.33 22.93
CA LEU C 20 -2.97 -25.33 23.58
C LEU C 20 -3.78 -26.58 23.90
N GLY C 21 -3.12 -27.74 23.82
CA GLY C 21 -3.78 -28.99 24.11
C GLY C 21 -4.62 -29.49 22.95
N ASP C 22 -4.82 -28.63 21.96
CA ASP C 22 -5.55 -29.02 20.76
C ASP C 22 -4.69 -29.98 19.95
N GLN C 23 -5.33 -30.98 19.35
CA GLN C 23 -4.61 -31.89 18.48
C GLN C 23 -4.17 -31.15 17.22
N ALA C 24 -3.01 -31.52 16.70
CA ALA C 24 -2.48 -30.84 15.52
C ALA C 24 -1.91 -31.83 14.53
N SER C 25 -2.28 -31.69 13.27
CA SER C 25 -1.79 -32.57 12.22
C SER C 25 -1.49 -31.78 10.95
N ILE C 26 -0.31 -32.02 10.39
CA ILE C 26 0.11 -31.37 9.16
C ILE C 26 0.32 -32.44 8.11
N SER C 27 0.23 -32.07 6.83
CA SER C 27 0.43 -33.03 5.76
C SER C 27 1.59 -32.59 4.88
N CYS C 28 2.11 -33.51 4.08
CA CYS C 28 3.07 -33.18 3.04
C CYS C 28 2.84 -34.11 1.85
N ARG C 29 2.84 -33.56 0.64
CA ARG C 29 2.61 -34.38 -0.54
C ARG C 29 3.67 -34.10 -1.61
N SER C 30 4.12 -35.16 -2.27
CA SER C 30 5.20 -35.05 -3.23
C SER C 30 4.73 -35.28 -4.67
N SER C 31 5.37 -34.58 -5.60
CA SER C 31 5.10 -34.74 -7.02
C SER C 31 5.32 -36.17 -7.51
N GLN C 32 6.58 -36.61 -7.51
CA GLN C 32 6.93 -37.96 -7.93
C GLN C 32 7.21 -38.86 -6.72
N SER C 33 7.61 -40.09 -6.99
CA SER C 33 8.01 -41.01 -5.93
C SER C 33 9.35 -40.60 -5.36
N ILE C 34 9.40 -40.38 -4.05
CA ILE C 34 10.63 -39.95 -3.40
C ILE C 34 11.38 -41.18 -2.87
N VAL C 35 10.82 -42.36 -3.09
CA VAL C 35 11.50 -43.57 -2.65
C VAL C 35 12.75 -43.76 -3.51
N HIS C 36 13.89 -43.79 -2.83
CA HIS C 36 15.17 -43.72 -3.51
C HIS C 36 15.60 -45.11 -3.96
N SER C 37 16.24 -45.17 -5.13
CA SER C 37 16.93 -46.39 -5.54
C SER C 37 17.90 -46.69 -4.41
N ASN C 38 18.03 -47.97 -4.09
CA ASN C 38 18.52 -48.51 -2.80
C ASN C 38 17.37 -48.76 -1.82
N GLY C 39 16.16 -48.37 -2.20
CA GLY C 39 14.96 -48.78 -1.47
C GLY C 39 14.64 -47.99 -0.21
N ASN C 40 15.47 -47.00 0.11
CA ASN C 40 15.20 -46.11 1.22
C ASN C 40 14.43 -44.87 0.81
N THR C 41 13.56 -44.41 1.69
CA THR C 41 12.88 -43.15 1.50
C THR C 41 13.35 -42.16 2.55
N TYR C 42 14.11 -41.16 2.13
CA TYR C 42 14.62 -40.18 3.09
C TYR C 42 13.67 -38.99 3.15
N LEU C 43 12.97 -38.88 4.28
CA LEU C 43 12.08 -37.75 4.52
C LEU C 43 12.31 -37.21 5.91
N GLU C 44 12.47 -35.89 6.00
CA GLU C 44 12.77 -35.25 7.26
C GLU C 44 11.81 -34.11 7.53
N TRP C 45 11.59 -33.82 8.80
CA TRP C 45 10.72 -32.71 9.19
C TRP C 45 11.50 -31.73 10.05
N TYR C 46 11.37 -30.45 9.75
CA TYR C 46 12.12 -29.44 10.47
C TYR C 46 11.19 -28.42 11.10
N LEU C 47 11.70 -27.78 12.14
CA LEU C 47 10.97 -26.75 12.88
C LEU C 47 11.87 -25.53 12.94
N GLN C 48 11.32 -24.36 12.67
CA GLN C 48 12.11 -23.15 12.76
C GLN C 48 11.47 -22.14 13.71
N LYS C 49 12.14 -21.89 14.83
CA LYS C 49 11.76 -20.82 15.73
C LYS C 49 12.04 -19.49 15.04
N PRO C 50 11.28 -18.43 15.37
CA PRO C 50 11.39 -17.16 14.67
C PRO C 50 12.81 -16.61 14.59
N GLY C 51 13.52 -16.62 15.70
CA GLY C 51 14.90 -16.16 15.74
C GLY C 51 15.92 -17.26 15.49
N GLN C 52 15.55 -18.50 15.82
CA GLN C 52 16.52 -19.58 15.86
C GLN C 52 16.89 -20.15 14.49
N SER C 53 17.82 -21.10 14.51
CA SER C 53 18.20 -21.86 13.34
C SER C 53 17.28 -23.08 13.21
N PRO C 54 17.19 -23.66 12.00
CA PRO C 54 16.34 -24.84 11.80
C PRO C 54 16.66 -25.98 12.77
N LYS C 55 15.60 -26.64 13.23
CA LYS C 55 15.70 -27.71 14.22
C LYS C 55 15.08 -28.99 13.66
N LEU C 56 15.81 -30.10 13.70
CA LEU C 56 15.31 -31.32 13.10
C LEU C 56 14.41 -32.07 14.07
N LEU C 57 13.14 -32.18 13.72
CA LEU C 57 12.18 -32.93 14.53
C LEU C 57 12.18 -34.42 14.23
N ILE C 58 12.25 -34.76 12.95
CA ILE C 58 11.98 -36.12 12.50
C ILE C 58 12.90 -36.54 11.35
N TYR C 59 13.43 -37.76 11.43
CA TYR C 59 14.29 -38.30 10.38
C TYR C 59 13.77 -39.65 9.88
N LYS C 60 13.87 -39.87 8.57
CA LYS C 60 13.33 -41.06 7.91
C LYS C 60 11.87 -41.31 8.27
N VAL C 61 10.99 -40.41 7.83
CA VAL C 61 9.54 -40.59 7.98
C VAL C 61 9.16 -40.89 9.43
N SER C 62 8.65 -42.09 9.68
CA SER C 62 8.13 -42.49 10.99
C SER C 62 9.09 -42.21 12.15
N ASN C 63 10.37 -42.53 11.96
CA ASN C 63 11.36 -42.37 13.01
C ASN C 63 11.56 -40.90 13.38
N ARG C 64 12.05 -40.65 14.60
CA ARG C 64 12.18 -39.27 15.07
C ARG C 64 13.50 -39.03 15.79
N PHE C 65 13.92 -37.77 15.79
CA PHE C 65 15.21 -37.36 16.37
C PHE C 65 15.20 -37.44 17.90
N SER C 66 16.39 -37.52 18.50
CA SER C 66 16.52 -37.56 19.94
C SER C 66 16.20 -36.20 20.57
N GLY C 67 15.73 -36.21 21.81
CA GLY C 67 15.39 -34.97 22.50
C GLY C 67 14.08 -34.38 22.02
N VAL C 68 13.46 -35.06 21.06
CA VAL C 68 12.17 -34.64 20.54
C VAL C 68 11.09 -35.36 21.35
N PRO C 69 10.14 -34.58 21.91
CA PRO C 69 9.11 -35.09 22.83
C PRO C 69 8.32 -36.26 22.26
N ASP C 70 7.79 -37.10 23.15
CA ASP C 70 7.22 -38.38 22.76
C ASP C 70 6.11 -38.29 21.72
N ARG C 71 5.36 -37.19 21.69
CA ARG C 71 4.27 -37.14 20.73
C ARG C 71 4.60 -36.34 19.49
N PHE C 72 5.00 -37.07 18.46
CA PHE C 72 5.09 -36.62 17.08
C PHE C 72 5.01 -37.90 16.26
N SER C 73 4.36 -37.89 15.11
CA SER C 73 4.42 -39.05 14.23
C SER C 73 4.53 -38.71 12.75
N GLY C 74 5.63 -39.09 12.12
CA GLY C 74 5.64 -39.17 10.67
C GLY C 74 4.78 -40.37 10.31
N SER C 75 3.70 -40.15 9.57
CA SER C 75 2.83 -41.26 9.17
C SER C 75 3.09 -41.67 7.73
N GLY C 76 4.02 -40.98 7.08
CA GLY C 76 4.19 -41.04 5.64
C GLY C 76 4.30 -42.41 4.98
N SER C 77 3.53 -42.58 3.91
CA SER C 77 3.60 -43.78 3.09
C SER C 77 3.42 -43.40 1.62
N GLY C 78 4.30 -43.89 0.76
CA GLY C 78 4.26 -43.55 -0.65
C GLY C 78 4.62 -42.10 -0.91
N THR C 79 3.74 -41.38 -1.62
CA THR C 79 3.96 -39.96 -1.89
C THR C 79 3.22 -39.08 -0.87
N ASP C 80 2.47 -39.73 0.02
CA ASP C 80 1.73 -39.02 1.04
C ASP C 80 2.46 -39.06 2.37
N PHE C 81 2.54 -37.92 3.04
CA PHE C 81 3.21 -37.83 4.31
C PHE C 81 2.41 -36.91 5.23
N THR C 82 2.46 -37.17 6.53
CA THR C 82 1.80 -36.30 7.49
C THR C 82 2.47 -36.37 8.86
N LEU C 83 2.30 -35.29 9.63
CA LEU C 83 2.89 -35.19 10.95
C LEU C 83 1.83 -34.78 11.97
N LYS C 84 1.71 -35.57 13.04
CA LYS C 84 0.68 -35.34 14.03
C LYS C 84 1.27 -34.96 15.38
N ILE C 85 0.65 -33.99 16.03
CA ILE C 85 0.97 -33.64 17.41
C ILE C 85 -0.30 -33.76 18.23
N SER C 86 -0.33 -34.71 19.15
CA SER C 86 -1.54 -34.96 19.93
C SER C 86 -1.80 -33.82 20.91
N ARG C 87 -0.74 -33.36 21.55
CA ARG C 87 -0.84 -32.26 22.50
C ARG C 87 0.15 -31.16 22.14
N VAL C 88 -0.35 -29.94 21.98
CA VAL C 88 0.52 -28.82 21.66
C VAL C 88 0.85 -28.07 22.95
N GLU C 89 2.13 -27.72 23.10
CA GLU C 89 2.60 -26.98 24.27
C GLU C 89 3.31 -25.71 23.87
N ALA C 90 3.88 -25.01 24.84
CA ALA C 90 4.48 -23.70 24.62
C ALA C 90 5.51 -23.68 23.49
N GLU C 91 6.63 -24.36 23.70
CA GLU C 91 7.74 -24.33 22.74
C GLU C 91 7.40 -25.05 21.44
N ASP C 92 6.30 -25.79 21.43
CA ASP C 92 5.85 -26.50 20.24
C ASP C 92 5.51 -25.55 19.09
N LEU C 93 5.24 -24.30 19.41
CA LEU C 93 4.96 -23.29 18.40
C LEU C 93 6.18 -22.97 17.55
N GLY C 94 5.93 -22.55 16.31
CA GLY C 94 6.98 -22.24 15.37
C GLY C 94 6.48 -22.46 13.96
N ILE C 95 7.41 -22.59 13.01
CA ILE C 95 7.02 -22.86 11.64
C ILE C 95 7.74 -24.11 11.16
N TYR C 96 7.00 -24.98 10.49
CA TYR C 96 7.49 -26.31 10.16
C TYR C 96 7.78 -26.48 8.67
N TYR C 97 8.77 -27.31 8.36
CA TYR C 97 9.07 -27.65 6.97
C TYR C 97 9.14 -29.15 6.76
N CYS C 98 8.74 -29.59 5.57
CA CYS C 98 8.93 -30.98 5.20
C CYS C 98 10.03 -31.02 4.16
N PHE C 99 10.92 -32.00 4.26
CA PHE C 99 12.10 -32.04 3.42
C PHE C 99 12.34 -33.46 2.92
N GLN C 100 12.79 -33.58 1.68
CA GLN C 100 13.12 -34.89 1.13
C GLN C 100 14.61 -34.94 0.79
N GLY C 101 15.27 -36.00 1.22
CA GLY C 101 16.70 -36.14 1.00
C GLY C 101 17.08 -37.18 -0.04
N SER C 102 16.14 -37.54 -0.91
CA SER C 102 16.36 -38.67 -1.81
C SER C 102 16.75 -38.31 -3.24
N LEU C 103 15.80 -37.82 -4.02
CA LEU C 103 15.98 -37.73 -5.47
C LEU C 103 16.65 -36.43 -5.93
N VAL C 104 17.76 -36.59 -6.65
CA VAL C 104 18.43 -35.49 -7.36
C VAL C 104 18.63 -34.27 -6.48
N PRO C 105 18.15 -33.12 -6.96
CA PRO C 105 18.15 -31.90 -6.17
C PRO C 105 17.01 -31.95 -5.16
N PRO C 106 17.36 -31.98 -3.87
CA PRO C 106 16.37 -32.10 -2.79
C PRO C 106 15.57 -30.82 -2.61
N THR C 107 14.38 -30.91 -2.02
CA THR C 107 13.55 -29.74 -1.84
C THR C 107 12.78 -29.76 -0.53
N PHE C 108 12.41 -28.57 -0.07
CA PHE C 108 11.60 -28.42 1.12
C PHE C 108 10.17 -28.15 0.69
N GLY C 109 9.29 -27.95 1.68
CA GLY C 109 7.96 -27.44 1.39
C GLY C 109 7.96 -25.95 1.61
N ALA C 110 6.90 -25.28 1.18
CA ALA C 110 6.74 -23.86 1.45
C ALA C 110 6.59 -23.63 2.96
N GLY C 111 6.31 -24.72 3.66
CA GLY C 111 6.27 -24.73 5.11
C GLY C 111 4.94 -24.34 5.71
N THR C 112 4.76 -24.72 6.98
CA THR C 112 3.51 -24.47 7.68
C THR C 112 3.75 -23.55 8.86
N LYS C 113 2.95 -22.49 8.96
CA LYS C 113 3.05 -21.59 10.09
C LYS C 113 2.13 -22.08 11.19
N LEU C 114 2.71 -22.50 12.30
CA LEU C 114 1.91 -22.90 13.44
C LEU C 114 1.91 -21.75 14.44
N GLU C 115 0.77 -21.07 14.57
CA GLU C 115 0.69 -19.93 15.46
C GLU C 115 -0.57 -19.99 16.32
N LEU C 116 -0.42 -19.64 17.60
CA LEU C 116 -1.50 -19.64 18.56
C LEU C 116 -2.60 -18.65 18.19
N LYS C 117 -3.85 -19.10 18.23
CA LYS C 117 -4.97 -18.20 18.01
C LYS C 117 -5.33 -17.51 19.32
N ARG C 118 -5.29 -16.18 19.31
CA ARG C 118 -5.47 -15.40 20.53
C ARG C 118 -6.93 -14.97 20.71
N GLY C 119 -7.23 -14.34 21.83
CA GLY C 119 -8.59 -13.92 22.15
C GLY C 119 -8.85 -14.02 23.63
N GLY C 120 -10.11 -13.87 24.04
CA GLY C 120 -10.51 -14.08 25.41
C GLY C 120 -9.80 -13.20 26.41
N GLN C 139 30.16 -32.02 23.27
CA GLN C 139 29.09 -32.09 22.27
C GLN C 139 29.55 -31.67 20.89
N VAL C 140 28.59 -31.41 20.01
CA VAL C 140 28.86 -30.99 18.64
C VAL C 140 28.39 -29.56 18.38
N GLN C 141 29.23 -28.78 17.71
CA GLN C 141 28.85 -27.41 17.34
C GLN C 141 29.38 -27.03 15.96
N LEU C 142 28.57 -26.27 15.23
CA LEU C 142 28.98 -25.71 13.94
C LEU C 142 29.02 -24.19 14.05
N GLN C 143 30.02 -23.58 13.44
CA GLN C 143 30.19 -22.14 13.50
C GLN C 143 30.32 -21.56 12.10
N GLN C 144 29.71 -20.40 11.89
CA GLN C 144 29.69 -19.80 10.57
C GLN C 144 30.34 -18.42 10.57
N SER C 145 30.65 -17.93 9.38
CA SER C 145 31.35 -16.66 9.23
C SER C 145 30.44 -15.49 9.61
N GLY C 146 30.98 -14.28 9.53
CA GLY C 146 30.22 -13.09 9.86
C GLY C 146 29.33 -12.71 8.70
N PRO C 147 28.54 -11.64 8.87
CA PRO C 147 27.68 -11.18 7.77
C PRO C 147 28.51 -10.59 6.62
N GLU C 148 27.97 -10.65 5.41
CA GLU C 148 28.69 -10.10 4.26
C GLU C 148 27.81 -9.12 3.49
N ASP C 149 28.29 -7.90 3.37
CA ASP C 149 27.61 -6.86 2.62
C ASP C 149 28.51 -6.36 1.49
N VAL C 150 28.04 -6.47 0.25
CA VAL C 150 28.88 -6.18 -0.90
C VAL C 150 28.03 -5.72 -2.10
N LYS C 151 28.62 -4.94 -3.00
CA LYS C 151 27.93 -4.50 -4.20
C LYS C 151 27.58 -5.68 -5.11
N PRO C 152 26.49 -5.55 -5.88
CA PRO C 152 26.09 -6.60 -6.82
C PRO C 152 27.17 -6.89 -7.84
N GLY C 153 27.20 -8.12 -8.36
CA GLY C 153 28.17 -8.50 -9.36
C GLY C 153 29.48 -8.99 -8.77
N ALA C 154 29.65 -8.79 -7.47
CA ALA C 154 30.88 -9.20 -6.78
C ALA C 154 30.81 -10.65 -6.30
N SER C 155 31.89 -11.11 -5.68
CA SER C 155 31.96 -12.48 -5.19
C SER C 155 32.33 -12.53 -3.71
N VAL C 156 31.71 -13.46 -2.99
CA VAL C 156 31.95 -13.63 -1.56
C VAL C 156 32.23 -15.09 -1.20
N LYS C 157 32.86 -15.29 -0.06
CA LYS C 157 33.15 -16.63 0.45
C LYS C 157 32.85 -16.68 1.94
N ILE C 158 32.18 -17.73 2.38
CA ILE C 158 31.85 -17.88 3.79
C ILE C 158 32.40 -19.18 4.35
N SER C 159 32.48 -19.26 5.68
CA SER C 159 33.10 -20.40 6.32
C SER C 159 32.14 -21.13 7.26
N CYS C 160 32.23 -22.45 7.27
CA CYS C 160 31.54 -23.26 8.27
C CYS C 160 32.55 -24.16 8.96
N LYS C 161 32.77 -23.93 10.25
CA LYS C 161 33.76 -24.66 11.01
C LYS C 161 33.06 -25.66 11.91
N ALA C 162 33.44 -26.94 11.80
CA ALA C 162 32.76 -27.98 12.55
C ALA C 162 33.64 -28.54 13.66
N SER C 163 33.03 -28.80 14.80
CA SER C 163 33.71 -29.40 15.94
C SER C 163 32.83 -30.44 16.60
N GLY C 164 33.45 -31.42 17.25
CA GLY C 164 32.71 -32.50 17.88
C GLY C 164 32.83 -33.81 17.12
N TYR C 165 33.35 -33.73 15.90
CA TYR C 165 33.54 -34.90 15.06
C TYR C 165 34.55 -34.66 13.95
N SER C 166 34.81 -35.70 13.16
CA SER C 166 35.71 -35.61 12.03
C SER C 166 34.90 -35.54 10.74
N LEU C 167 35.13 -34.51 9.95
CA LEU C 167 34.35 -34.28 8.73
C LEU C 167 34.61 -35.36 7.67
N THR C 168 35.77 -35.99 7.72
CA THR C 168 36.14 -36.99 6.72
C THR C 168 35.68 -38.39 7.08
N THR C 169 35.01 -38.54 8.21
CA THR C 169 34.47 -39.85 8.59
C THR C 169 33.42 -40.27 7.54
N LYS C 170 33.27 -41.56 7.36
CA LYS C 170 32.42 -42.08 6.30
C LYS C 170 30.94 -41.97 6.67
N GLY C 171 30.12 -41.56 5.70
CA GLY C 171 28.69 -41.46 5.91
C GLY C 171 28.18 -40.06 6.20
N MET C 172 29.08 -39.16 6.57
CA MET C 172 28.71 -37.79 6.90
C MET C 172 29.17 -36.81 5.84
N GLY C 173 28.33 -35.81 5.56
CA GLY C 173 28.65 -34.77 4.59
C GLY C 173 28.02 -33.46 5.01
N VAL C 174 28.45 -32.37 4.39
CA VAL C 174 27.96 -31.06 4.77
C VAL C 174 27.11 -30.46 3.65
N ASN C 175 25.88 -30.06 3.99
CA ASN C 175 24.99 -29.44 3.02
C ASN C 175 24.99 -27.93 3.19
N TRP C 176 24.29 -27.22 2.31
CA TRP C 176 24.16 -25.78 2.42
C TRP C 176 22.76 -25.32 2.05
N VAL C 177 22.17 -24.53 2.93
CA VAL C 177 20.79 -24.11 2.75
C VAL C 177 20.67 -22.59 2.87
N LYS C 178 19.95 -22.00 1.93
CA LYS C 178 19.74 -20.56 1.92
C LYS C 178 18.27 -20.25 2.19
N GLN C 179 18.01 -19.25 3.02
CA GLN C 179 16.65 -18.85 3.32
C GLN C 179 16.40 -17.40 2.94
N SER C 180 15.59 -17.18 1.91
CA SER C 180 15.18 -15.83 1.54
C SER C 180 13.83 -15.56 2.17
N PRO C 181 13.74 -14.52 3.02
CA PRO C 181 12.53 -14.22 3.78
C PRO C 181 11.30 -14.06 2.89
N GLY C 182 10.24 -14.80 3.23
CA GLY C 182 9.01 -14.77 2.46
C GLY C 182 9.06 -15.67 1.24
N LYS C 183 10.27 -16.03 0.83
CA LYS C 183 10.46 -16.89 -0.33
C LYS C 183 10.60 -18.36 0.08
N GLY C 184 10.52 -18.62 1.37
CA GLY C 184 10.60 -19.97 1.89
C GLY C 184 12.03 -20.49 1.96
N LEU C 185 12.18 -21.81 1.99
CA LEU C 185 13.47 -22.44 2.18
C LEU C 185 14.05 -23.01 0.89
N GLU C 186 15.37 -22.98 0.77
CA GLU C 186 16.04 -23.38 -0.46
C GLU C 186 17.31 -24.20 -0.21
N TRP C 187 17.57 -25.16 -1.10
CA TRP C 187 18.77 -26.00 -1.01
C TRP C 187 19.75 -25.61 -2.12
N LEU C 188 21.04 -25.67 -1.84
CA LEU C 188 22.04 -25.23 -2.81
C LEU C 188 23.05 -26.30 -3.18
N ALA C 189 23.95 -26.62 -2.25
CA ALA C 189 25.07 -27.50 -2.55
C ALA C 189 25.43 -28.39 -1.36
N HIS C 190 26.20 -29.43 -1.63
CA HIS C 190 26.63 -30.34 -0.59
C HIS C 190 28.03 -30.85 -0.92
N ILE C 191 28.82 -31.08 0.13
CA ILE C 191 30.15 -31.64 -0.04
C ILE C 191 30.29 -32.87 0.86
N TYR C 192 30.58 -34.00 0.24
CA TYR C 192 30.72 -35.26 0.97
C TYR C 192 32.04 -35.30 1.72
N TRP C 193 32.26 -36.38 2.46
CA TRP C 193 33.53 -36.56 3.16
C TRP C 193 34.61 -36.96 2.17
N ASP C 194 34.18 -37.55 1.05
CA ASP C 194 35.11 -37.94 -0.01
C ASP C 194 35.29 -36.77 -0.98
N ASP C 195 34.72 -35.63 -0.61
CA ASP C 195 34.95 -34.34 -1.27
C ASP C 195 34.19 -34.17 -2.59
N ASP C 196 33.45 -35.20 -3.00
CA ASP C 196 32.58 -35.04 -4.16
C ASP C 196 31.58 -33.93 -3.89
N LYS C 197 31.52 -32.96 -4.79
CA LYS C 197 30.62 -31.83 -4.60
C LYS C 197 29.52 -31.89 -5.64
N ARG C 198 28.30 -31.62 -5.20
CA ARG C 198 27.18 -31.50 -6.12
C ARG C 198 26.51 -30.16 -5.85
N TYR C 199 26.18 -29.43 -6.91
CA TYR C 199 25.60 -28.11 -6.75
C TYR C 199 24.17 -28.08 -7.26
N ASN C 200 23.52 -26.94 -7.11
CA ASN C 200 22.18 -26.75 -7.65
C ASN C 200 22.28 -26.16 -9.04
N PRO C 201 21.53 -26.73 -9.99
CA PRO C 201 21.53 -26.25 -11.38
C PRO C 201 21.04 -24.81 -11.49
N SER C 202 20.16 -24.39 -10.60
CA SER C 202 19.61 -23.04 -10.63
C SER C 202 20.67 -22.00 -10.28
N LEU C 203 21.77 -22.46 -9.69
CA LEU C 203 22.87 -21.56 -9.36
C LEU C 203 23.70 -21.22 -10.59
N LYS C 204 23.38 -21.89 -11.70
CA LYS C 204 24.12 -21.75 -12.96
C LYS C 204 25.60 -22.06 -12.71
N SER C 205 25.84 -22.97 -11.77
CA SER C 205 27.18 -23.42 -11.39
C SER C 205 28.14 -22.26 -11.12
N ARG C 206 27.63 -21.20 -10.50
CA ARG C 206 28.48 -20.09 -10.11
C ARG C 206 29.25 -20.44 -8.84
N ALA C 207 28.57 -21.11 -7.92
CA ALA C 207 29.18 -21.43 -6.63
C ALA C 207 30.17 -22.58 -6.75
N THR C 208 31.25 -22.48 -5.97
CA THR C 208 32.26 -23.52 -5.92
C THR C 208 32.62 -23.80 -4.46
N LEU C 209 32.43 -25.04 -4.03
CA LEU C 209 32.74 -25.40 -2.64
C LEU C 209 34.23 -25.60 -2.42
N THR C 210 34.66 -25.36 -1.18
CA THR C 210 36.06 -25.54 -0.79
C THR C 210 36.11 -26.01 0.65
N VAL C 211 37.15 -26.76 1.00
CA VAL C 211 37.30 -27.25 2.37
C VAL C 211 38.76 -27.20 2.83
N ASP C 212 38.97 -26.64 4.02
CA ASP C 212 40.28 -26.66 4.64
C ASP C 212 40.31 -27.74 5.72
N LYS C 213 41.04 -28.82 5.47
CA LYS C 213 41.03 -29.97 6.35
C LYS C 213 41.80 -29.70 7.63
N SER C 214 42.71 -28.73 7.58
CA SER C 214 43.50 -28.37 8.75
C SER C 214 42.61 -27.83 9.87
N SER C 215 41.86 -26.77 9.58
CA SER C 215 41.01 -26.12 10.58
C SER C 215 39.59 -26.66 10.57
N SER C 216 39.32 -27.63 9.70
CA SER C 216 38.00 -28.23 9.56
C SER C 216 36.93 -27.18 9.25
N THR C 217 37.27 -26.25 8.37
CA THR C 217 36.33 -25.24 7.90
C THR C 217 35.93 -25.48 6.46
N VAL C 218 34.62 -25.42 6.18
CA VAL C 218 34.14 -25.59 4.81
C VAL C 218 33.83 -24.22 4.20
N TYR C 219 34.43 -23.96 3.04
CA TYR C 219 34.22 -22.67 2.39
C TYR C 219 33.22 -22.80 1.24
N LEU C 220 32.37 -21.79 1.11
CA LEU C 220 31.44 -21.70 0.00
C LEU C 220 31.58 -20.33 -0.65
N GLU C 221 31.90 -20.32 -1.93
CA GLU C 221 32.12 -19.07 -2.64
C GLU C 221 31.00 -18.84 -3.65
N LEU C 222 30.51 -17.61 -3.73
CA LEU C 222 29.46 -17.25 -4.68
C LEU C 222 29.95 -16.17 -5.63
N ARG C 223 29.89 -16.45 -6.92
CA ARG C 223 30.41 -15.55 -7.94
C ARG C 223 29.32 -14.63 -8.52
N SER C 224 29.69 -13.37 -8.76
CA SER C 224 28.80 -12.39 -9.38
C SER C 224 27.45 -12.33 -8.68
N LEU C 225 27.44 -11.80 -7.47
CA LEU C 225 26.22 -11.75 -6.68
C LEU C 225 25.18 -10.84 -7.31
N THR C 226 23.91 -11.20 -7.14
CA THR C 226 22.80 -10.38 -7.59
C THR C 226 21.87 -10.09 -6.42
N SER C 227 20.74 -9.44 -6.71
CA SER C 227 19.81 -9.04 -5.66
C SER C 227 19.04 -10.23 -5.08
N GLU C 228 18.78 -11.23 -5.91
CA GLU C 228 18.03 -12.40 -5.47
C GLU C 228 18.93 -13.32 -4.66
N ASP C 229 20.24 -13.07 -4.75
CA ASP C 229 21.23 -13.85 -4.03
C ASP C 229 21.39 -13.33 -2.60
N SER C 230 20.69 -12.25 -2.29
CA SER C 230 20.74 -11.67 -0.96
C SER C 230 19.87 -12.48 -0.02
N SER C 231 20.50 -13.06 1.00
CA SER C 231 19.79 -13.90 1.96
C SER C 231 20.66 -14.27 3.15
N VAL C 232 20.10 -15.06 4.05
CA VAL C 232 20.84 -15.65 5.14
C VAL C 232 21.15 -17.11 4.80
N TYR C 233 22.42 -17.49 4.93
CA TYR C 233 22.83 -18.83 4.53
C TYR C 233 23.11 -19.69 5.75
N TYR C 234 22.71 -20.96 5.70
CA TYR C 234 22.91 -21.86 6.83
C TYR C 234 23.87 -22.99 6.49
N CYS C 235 24.61 -23.46 7.48
CA CYS C 235 25.48 -24.62 7.32
C CYS C 235 24.88 -25.82 8.02
N ALA C 236 24.78 -26.95 7.33
CA ALA C 236 24.11 -28.11 7.89
C ALA C 236 24.91 -29.40 7.66
N ARG C 237 24.95 -30.25 8.69
CA ARG C 237 25.67 -31.51 8.63
C ARG C 237 24.71 -32.65 8.34
N ARG C 238 24.95 -33.37 7.24
CA ARG C 238 24.24 -34.60 7.00
C ARG C 238 24.71 -35.60 8.05
N GLY C 239 23.78 -36.16 8.81
CA GLY C 239 24.15 -37.03 9.91
C GLY C 239 24.74 -38.33 9.42
N GLY C 240 25.07 -39.21 10.36
CA GLY C 240 25.65 -40.49 9.99
C GLY C 240 24.60 -41.38 9.35
N SER C 241 24.98 -42.61 9.05
CA SER C 241 24.03 -43.56 8.48
C SER C 241 22.99 -43.93 9.52
N SER C 242 23.33 -43.70 10.78
CA SER C 242 22.40 -43.91 11.88
C SER C 242 21.24 -42.94 11.78
N HIS C 243 21.53 -41.74 11.26
CA HIS C 243 20.51 -40.70 11.10
C HIS C 243 19.93 -40.67 9.68
N TYR C 244 20.38 -41.61 8.84
CA TYR C 244 19.90 -41.74 7.47
C TYR C 244 20.07 -40.46 6.66
N TYR C 245 21.22 -39.83 6.82
CA TYR C 245 21.62 -38.65 6.04
C TYR C 245 20.57 -37.56 6.17
N ALA C 246 20.43 -37.09 7.40
CA ALA C 246 19.50 -36.02 7.74
C ALA C 246 20.32 -34.93 8.37
N MET C 247 19.75 -33.73 8.50
CA MET C 247 20.53 -32.67 9.08
C MET C 247 20.17 -32.54 10.55
N ASP C 248 21.04 -33.09 11.39
CA ASP C 248 20.85 -33.08 12.84
C ASP C 248 21.37 -31.78 13.47
N TYR C 249 22.52 -31.31 12.99
CA TYR C 249 23.12 -30.10 13.53
C TYR C 249 23.28 -28.99 12.50
N TRP C 250 22.90 -27.77 12.90
CA TRP C 250 22.89 -26.62 12.01
C TRP C 250 23.83 -25.53 12.50
N GLY C 251 24.22 -24.65 11.59
CA GLY C 251 25.04 -23.51 11.94
C GLY C 251 24.19 -22.39 12.51
N GLN C 252 24.83 -21.32 12.97
CA GLN C 252 24.11 -20.14 13.43
C GLN C 252 23.51 -19.43 12.23
N GLY C 253 24.20 -19.55 11.10
CA GLY C 253 23.81 -18.88 9.87
C GLY C 253 24.58 -17.59 9.68
N THR C 254 24.85 -17.24 8.43
CA THR C 254 25.49 -15.97 8.12
C THR C 254 24.58 -15.21 7.15
N THR C 255 24.59 -13.89 7.26
CA THR C 255 23.63 -13.08 6.51
C THR C 255 24.32 -12.24 5.43
N VAL C 256 23.86 -12.39 4.20
CA VAL C 256 24.47 -11.71 3.07
C VAL C 256 23.48 -10.82 2.34
N THR C 257 23.87 -9.56 2.12
CA THR C 257 23.05 -8.60 1.41
C THR C 257 23.88 -7.81 0.40
N VAL C 258 23.25 -7.39 -0.68
CA VAL C 258 23.94 -6.59 -1.69
C VAL C 258 23.29 -5.20 -1.81
N SER C 259 24.06 -4.24 -2.29
CA SER C 259 23.56 -2.87 -2.43
C SER C 259 23.07 -2.61 -3.85
N ASP D 6 15.57 -10.24 -35.40
CA ASP D 6 15.35 -8.98 -36.09
C ASP D 6 14.66 -9.16 -37.44
N ILE D 7 13.38 -9.53 -37.39
CA ILE D 7 12.57 -9.70 -38.57
C ILE D 7 11.60 -8.54 -38.71
N VAL D 8 11.69 -7.80 -39.81
CA VAL D 8 10.82 -6.64 -40.00
C VAL D 8 9.69 -6.97 -40.98
N MET D 9 8.47 -6.99 -40.47
CA MET D 9 7.31 -7.28 -41.29
C MET D 9 6.84 -6.02 -42.00
N THR D 10 6.70 -6.12 -43.31
CA THR D 10 6.36 -4.96 -44.13
C THR D 10 5.01 -4.37 -43.74
N GLN D 11 4.93 -3.05 -43.80
CA GLN D 11 3.74 -2.31 -43.39
C GLN D 11 2.51 -2.72 -44.19
N THR D 12 2.62 -2.67 -45.52
CA THR D 12 1.56 -3.12 -46.44
C THR D 12 0.39 -2.12 -46.34
N PRO D 13 -0.64 -2.23 -47.21
CA PRO D 13 -1.47 -1.02 -47.41
C PRO D 13 -2.19 -0.53 -46.15
N SER D 14 -1.43 0.17 -45.31
CA SER D 14 -1.86 0.67 -44.01
C SER D 14 -3.23 1.34 -44.00
N SER D 15 -3.50 2.18 -44.99
CA SER D 15 -4.81 2.79 -45.11
C SER D 15 -5.65 1.99 -46.11
N LEU D 16 -6.77 1.43 -45.64
CA LEU D 16 -7.62 0.63 -46.51
C LEU D 16 -9.08 1.01 -46.39
N PRO D 17 -9.48 2.08 -47.10
CA PRO D 17 -10.90 2.42 -47.20
C PRO D 17 -11.64 1.49 -48.17
N VAL D 18 -12.86 1.10 -47.81
CA VAL D 18 -13.72 0.33 -48.69
C VAL D 18 -15.18 0.59 -48.30
N SER D 19 -16.09 0.31 -49.22
CA SER D 19 -17.51 0.34 -48.88
C SER D 19 -17.90 -1.01 -48.31
N LEU D 20 -19.15 -1.14 -47.88
CA LEU D 20 -19.59 -2.42 -47.35
C LEU D 20 -19.83 -3.37 -48.52
N GLY D 21 -19.53 -4.65 -48.31
CA GLY D 21 -19.73 -5.65 -49.34
C GLY D 21 -18.64 -5.64 -50.40
N ASP D 22 -17.78 -4.61 -50.38
CA ASP D 22 -16.67 -4.54 -51.31
C ASP D 22 -15.65 -5.61 -50.96
N GLN D 23 -15.02 -6.20 -51.98
CA GLN D 23 -13.97 -7.17 -51.74
C GLN D 23 -12.78 -6.44 -51.13
N ALA D 24 -12.06 -7.10 -50.24
CA ALA D 24 -10.95 -6.47 -49.54
C ALA D 24 -9.75 -7.41 -49.44
N SER D 25 -8.57 -6.90 -49.75
CA SER D 25 -7.35 -7.70 -49.69
C SER D 25 -6.21 -6.91 -49.08
N ILE D 26 -5.55 -7.52 -48.11
CA ILE D 26 -4.43 -6.92 -47.41
C ILE D 26 -3.20 -7.79 -47.70
N SER D 27 -2.00 -7.23 -47.56
CA SER D 27 -0.79 -7.99 -47.82
C SER D 27 0.09 -8.05 -46.58
N CYS D 28 1.03 -8.99 -46.57
CA CYS D 28 2.10 -9.00 -45.58
C CYS D 28 3.37 -9.55 -46.21
N ARG D 29 4.49 -8.89 -45.97
CA ARG D 29 5.74 -9.35 -46.54
C ARG D 29 6.82 -9.34 -45.45
N SER D 30 7.66 -10.36 -45.46
CA SER D 30 8.67 -10.51 -44.42
C SER D 30 10.07 -10.27 -44.98
N SER D 31 10.94 -9.74 -44.14
CA SER D 31 12.33 -9.54 -44.52
C SER D 31 12.96 -10.87 -44.95
N GLN D 32 13.12 -11.80 -44.01
CA GLN D 32 13.68 -13.11 -44.31
C GLN D 32 12.61 -14.20 -44.39
N SER D 33 13.05 -15.44 -44.58
CA SER D 33 12.15 -16.58 -44.60
C SER D 33 11.68 -16.88 -43.19
N ILE D 34 10.35 -16.91 -43.00
CA ILE D 34 9.78 -17.14 -41.68
C ILE D 34 9.48 -18.62 -41.47
N VAL D 35 9.82 -19.44 -42.46
CA VAL D 35 9.59 -20.86 -42.32
C VAL D 35 10.55 -21.39 -41.24
N HIS D 36 9.95 -21.95 -40.20
CA HIS D 36 10.67 -22.29 -38.98
C HIS D 36 11.32 -23.66 -39.08
N SER D 37 12.49 -23.81 -38.46
CA SER D 37 13.06 -25.12 -38.26
C SER D 37 11.99 -25.93 -37.54
N ASN D 38 11.84 -27.20 -37.95
CA ASN D 38 10.65 -28.05 -37.76
C ASN D 38 9.65 -27.91 -38.92
N GLY D 39 9.93 -27.01 -39.85
CA GLY D 39 9.22 -26.96 -41.11
C GLY D 39 7.85 -26.30 -41.08
N ASN D 40 7.42 -25.83 -39.92
CA ASN D 40 6.17 -25.09 -39.81
C ASN D 40 6.40 -23.59 -39.98
N THR D 41 5.45 -22.91 -40.61
CA THR D 41 5.49 -21.46 -40.67
C THR D 41 4.33 -20.88 -39.87
N TYR D 42 4.63 -20.25 -38.74
CA TYR D 42 3.57 -19.70 -37.90
C TYR D 42 3.31 -18.24 -38.24
N LEU D 43 2.17 -17.98 -38.86
CA LEU D 43 1.74 -16.62 -39.16
C LEU D 43 0.29 -16.44 -38.74
N GLU D 44 0.02 -15.36 -38.03
CA GLU D 44 -1.31 -15.12 -37.50
C GLU D 44 -1.81 -13.73 -37.88
N TRP D 45 -3.12 -13.59 -37.96
CA TRP D 45 -3.73 -12.31 -38.28
C TRP D 45 -4.63 -11.88 -37.15
N TYR D 46 -4.51 -10.62 -36.74
CA TYR D 46 -5.29 -10.13 -35.62
C TYR D 46 -6.13 -8.93 -36.02
N LEU D 47 -7.18 -8.71 -35.24
CA LEU D 47 -8.08 -7.59 -35.44
C LEU D 47 -8.18 -6.84 -34.12
N GLN D 48 -8.07 -5.53 -34.18
CA GLN D 48 -8.22 -4.71 -32.99
C GLN D 48 -9.32 -3.68 -33.21
N LYS D 49 -10.40 -3.83 -32.46
CA LYS D 49 -11.43 -2.81 -32.40
C LYS D 49 -10.82 -1.63 -31.68
N PRO D 50 -11.27 -0.40 -31.99
CA PRO D 50 -10.67 0.82 -31.42
C PRO D 50 -10.55 0.78 -29.91
N GLY D 51 -11.61 0.37 -29.23
CA GLY D 51 -11.58 0.26 -27.78
C GLY D 51 -11.12 -1.09 -27.28
N GLN D 52 -11.33 -2.13 -28.08
CA GLN D 52 -11.15 -3.50 -27.62
C GLN D 52 -9.72 -3.99 -27.54
N SER D 53 -9.59 -5.22 -27.06
CA SER D 53 -8.33 -5.95 -27.06
C SER D 53 -8.17 -6.70 -28.37
N PRO D 54 -6.92 -7.06 -28.74
CA PRO D 54 -6.72 -7.79 -29.99
C PRO D 54 -7.54 -9.07 -30.08
N LYS D 55 -8.05 -9.34 -31.28
CA LYS D 55 -8.89 -10.50 -31.53
C LYS D 55 -8.24 -11.31 -32.65
N LEU D 56 -8.03 -12.60 -32.42
CA LEU D 56 -7.31 -13.43 -33.38
C LEU D 56 -8.22 -13.93 -34.49
N LEU D 57 -7.94 -13.49 -35.71
CA LEU D 57 -8.70 -13.95 -36.87
C LEU D 57 -8.20 -15.28 -37.42
N ILE D 58 -6.87 -15.42 -37.49
CA ILE D 58 -6.28 -16.51 -38.25
C ILE D 58 -5.00 -17.08 -37.61
N TYR D 59 -4.88 -18.41 -37.57
CA TYR D 59 -3.68 -19.06 -37.03
C TYR D 59 -3.07 -20.01 -38.06
N LYS D 60 -1.73 -20.06 -38.10
CA LYS D 60 -0.99 -20.85 -39.07
C LYS D 60 -1.46 -20.56 -40.49
N VAL D 61 -1.20 -19.33 -40.95
CA VAL D 61 -1.45 -18.93 -42.33
C VAL D 61 -2.88 -19.28 -42.79
N SER D 62 -3.01 -20.19 -43.73
CA SER D 62 -4.30 -20.53 -44.34
C SER D 62 -5.41 -20.83 -43.33
N ASN D 63 -5.11 -21.62 -42.31
CA ASN D 63 -6.11 -22.02 -41.32
C ASN D 63 -6.61 -20.82 -40.51
N ARG D 64 -7.80 -20.93 -39.95
CA ARG D 64 -8.43 -19.81 -39.27
C ARG D 64 -9.07 -20.19 -37.92
N PHE D 65 -9.19 -19.18 -37.06
CA PHE D 65 -9.73 -19.36 -35.71
C PHE D 65 -11.23 -19.62 -35.72
N SER D 66 -11.74 -20.22 -34.64
CA SER D 66 -13.16 -20.48 -34.49
C SER D 66 -13.96 -19.19 -34.24
N GLY D 67 -15.23 -19.19 -34.63
CA GLY D 67 -16.07 -18.03 -34.46
C GLY D 67 -15.78 -16.93 -35.47
N VAL D 68 -14.82 -17.22 -36.34
CA VAL D 68 -14.44 -16.30 -37.40
C VAL D 68 -15.25 -16.60 -38.65
N PRO D 69 -15.90 -15.57 -39.22
CA PRO D 69 -16.83 -15.71 -40.35
C PRO D 69 -16.23 -16.44 -41.54
N ASP D 70 -17.08 -17.06 -42.35
CA ASP D 70 -16.66 -18.00 -43.37
C ASP D 70 -15.67 -17.42 -44.38
N ARG D 71 -15.78 -16.13 -44.67
CA ARG D 71 -14.90 -15.57 -45.68
C ARG D 71 -13.74 -14.78 -45.08
N PHE D 72 -12.59 -15.45 -45.00
CA PHE D 72 -11.29 -14.84 -44.76
C PHE D 72 -10.29 -15.84 -45.31
N SER D 73 -9.18 -15.39 -45.90
CA SER D 73 -8.16 -16.35 -46.30
C SER D 73 -6.74 -15.88 -46.06
N GLY D 74 -6.00 -16.59 -45.20
CA GLY D 74 -4.55 -16.48 -45.25
C GLY D 74 -4.12 -17.20 -46.50
N SER D 75 -3.49 -16.49 -47.44
CA SER D 75 -3.04 -17.13 -48.67
C SER D 75 -1.54 -17.42 -48.65
N GLY D 76 -0.89 -17.06 -47.54
CA GLY D 76 0.56 -17.00 -47.47
C GLY D 76 1.36 -18.19 -47.95
N SER D 77 2.37 -17.90 -48.76
CA SER D 77 3.33 -18.90 -49.23
C SER D 77 4.72 -18.28 -49.28
N GLY D 78 5.71 -18.97 -48.71
CA GLY D 78 7.06 -18.45 -48.67
C GLY D 78 7.18 -17.25 -47.76
N THR D 79 7.73 -16.16 -48.27
CA THR D 79 7.84 -14.92 -47.51
C THR D 79 6.71 -13.94 -47.80
N ASP D 80 5.85 -14.30 -48.74
CA ASP D 80 4.72 -13.44 -49.11
C ASP D 80 3.43 -13.92 -48.47
N PHE D 81 2.66 -12.99 -47.93
CA PHE D 81 1.41 -13.34 -47.26
C PHE D 81 0.32 -12.33 -47.59
N THR D 82 -0.94 -12.78 -47.60
CA THR D 82 -2.07 -11.87 -47.82
C THR D 82 -3.34 -12.40 -47.16
N LEU D 83 -4.27 -11.49 -46.86
CA LEU D 83 -5.54 -11.83 -46.24
C LEU D 83 -6.68 -11.21 -47.04
N LYS D 84 -7.63 -12.03 -47.44
CA LYS D 84 -8.70 -11.58 -48.32
C LYS D 84 -10.08 -11.63 -47.67
N ILE D 85 -10.87 -10.59 -47.89
CA ILE D 85 -12.27 -10.57 -47.47
C ILE D 85 -13.15 -10.28 -48.68
N SER D 86 -13.97 -11.24 -49.06
CA SER D 86 -14.81 -11.11 -50.25
C SER D 86 -15.93 -10.11 -49.97
N ARG D 87 -16.50 -10.21 -48.77
CA ARG D 87 -17.59 -9.34 -48.38
C ARG D 87 -17.27 -8.64 -47.06
N VAL D 88 -17.33 -7.32 -47.06
CA VAL D 88 -17.07 -6.55 -45.84
C VAL D 88 -18.39 -6.21 -45.17
N GLU D 89 -18.43 -6.40 -43.84
CA GLU D 89 -19.62 -6.14 -43.07
C GLU D 89 -19.33 -5.18 -41.92
N ALA D 90 -20.34 -4.94 -41.08
CA ALA D 90 -20.27 -3.95 -40.01
C ALA D 90 -19.09 -4.16 -39.06
N GLU D 91 -19.14 -5.23 -38.27
CA GLU D 91 -18.13 -5.45 -37.24
C GLU D 91 -16.77 -5.82 -37.84
N ASP D 92 -16.75 -6.13 -39.14
CA ASP D 92 -15.52 -6.47 -39.82
C ASP D 92 -14.52 -5.32 -39.82
N LEU D 93 -15.01 -4.10 -39.60
CA LEU D 93 -14.15 -2.93 -39.51
C LEU D 93 -13.26 -2.93 -38.27
N GLY D 94 -12.11 -2.28 -38.40
CA GLY D 94 -11.12 -2.22 -37.33
C GLY D 94 -9.75 -2.02 -37.95
N ILE D 95 -8.71 -2.33 -37.18
CA ILE D 95 -7.35 -2.25 -37.70
C ILE D 95 -6.67 -3.61 -37.56
N TYR D 96 -5.97 -4.02 -38.61
CA TYR D 96 -5.42 -5.37 -38.67
C TYR D 96 -3.90 -5.40 -38.53
N TYR D 97 -3.39 -6.46 -37.92
CA TYR D 97 -1.95 -6.68 -37.81
C TYR D 97 -1.56 -8.06 -38.32
N CYS D 98 -0.36 -8.15 -38.89
CA CYS D 98 0.19 -9.44 -39.27
C CYS D 98 1.32 -9.78 -38.29
N PHE D 99 1.39 -11.03 -37.87
CA PHE D 99 2.32 -11.43 -36.82
C PHE D 99 3.02 -12.74 -37.17
N GLN D 100 4.29 -12.84 -36.81
CA GLN D 100 5.04 -14.07 -37.02
C GLN D 100 5.49 -14.67 -35.69
N GLY D 101 5.24 -15.96 -35.52
CA GLY D 101 5.56 -16.66 -34.29
C GLY D 101 6.73 -17.63 -34.42
N SER D 102 7.54 -17.44 -35.46
CA SER D 102 8.58 -18.40 -35.80
C SER D 102 9.98 -18.01 -35.34
N LEU D 103 10.58 -17.05 -36.02
CA LEU D 103 12.01 -16.77 -35.87
C LEU D 103 12.35 -15.79 -34.75
N VAL D 104 13.21 -16.25 -33.84
CA VAL D 104 13.85 -15.41 -32.82
C VAL D 104 12.88 -14.51 -32.06
N PRO D 105 13.18 -13.22 -32.06
CA PRO D 105 12.27 -12.23 -31.48
C PRO D 105 11.14 -11.98 -32.45
N PRO D 106 9.92 -12.34 -32.05
CA PRO D 106 8.78 -12.23 -32.97
C PRO D 106 8.41 -10.77 -33.22
N THR D 107 7.78 -10.49 -34.35
CA THR D 107 7.43 -9.11 -34.69
C THR D 107 6.10 -9.01 -35.41
N PHE D 108 5.50 -7.83 -35.32
CA PHE D 108 4.25 -7.53 -36.03
C PHE D 108 4.52 -6.67 -37.24
N GLY D 109 3.46 -6.33 -37.95
CA GLY D 109 3.54 -5.31 -38.99
C GLY D 109 3.07 -3.99 -38.41
N ALA D 110 3.28 -2.91 -39.15
CA ALA D 110 2.76 -1.60 -38.73
C ALA D 110 1.24 -1.61 -38.78
N GLY D 111 0.69 -2.60 -39.46
CA GLY D 111 -0.74 -2.84 -39.47
C GLY D 111 -1.53 -2.06 -40.49
N THR D 112 -2.73 -2.54 -40.78
CA THR D 112 -3.59 -1.93 -41.77
C THR D 112 -4.87 -1.41 -41.14
N LYS D 113 -5.17 -0.14 -41.38
CA LYS D 113 -6.40 0.46 -40.89
C LYS D 113 -7.50 0.28 -41.93
N LEU D 114 -8.52 -0.50 -41.58
CA LEU D 114 -9.66 -0.70 -42.46
C LEU D 114 -10.76 0.23 -42.00
N GLU D 115 -11.07 1.25 -42.80
CA GLU D 115 -12.06 2.23 -42.40
C GLU D 115 -13.10 2.48 -43.50
N LEU D 116 -14.35 2.59 -43.07
CA LEU D 116 -15.45 2.83 -43.98
C LEU D 116 -15.29 4.19 -44.65
N LYS D 117 -15.42 4.21 -45.97
CA LYS D 117 -15.40 5.49 -46.67
C LYS D 117 -16.82 6.06 -46.64
N ARG D 118 -16.95 7.27 -46.12
CA ARG D 118 -18.28 7.85 -45.92
C ARG D 118 -18.69 8.65 -47.13
N GLY D 119 -19.94 9.12 -47.15
CA GLY D 119 -20.46 9.86 -48.28
C GLY D 119 -21.93 9.60 -48.53
N GLY D 120 -22.42 10.07 -49.67
CA GLY D 120 -23.78 9.77 -50.12
C GLY D 120 -24.85 10.23 -49.15
N GLN D 139 -16.33 -20.69 -19.91
CA GLN D 139 -15.42 -20.26 -20.97
C GLN D 139 -14.05 -19.91 -20.40
N VAL D 140 -13.24 -19.22 -21.21
CA VAL D 140 -11.90 -18.82 -20.79
C VAL D 140 -11.81 -17.30 -20.67
N GLN D 141 -11.18 -16.83 -19.60
CA GLN D 141 -10.99 -15.39 -19.40
C GLN D 141 -9.63 -15.07 -18.82
N LEU D 142 -9.05 -13.97 -19.27
CA LEU D 142 -7.81 -13.46 -18.67
C LEU D 142 -8.07 -12.08 -18.09
N GLN D 143 -7.50 -11.82 -16.91
CA GLN D 143 -7.71 -10.56 -16.22
C GLN D 143 -6.36 -9.96 -15.86
N GLN D 144 -6.27 -8.63 -15.95
CA GLN D 144 -5.01 -7.94 -15.77
C GLN D 144 -5.05 -6.99 -14.60
N SER D 145 -3.88 -6.55 -14.16
CA SER D 145 -3.79 -5.67 -13.00
C SER D 145 -4.36 -4.30 -13.33
N GLY D 146 -4.35 -3.40 -12.36
CA GLY D 146 -4.87 -2.07 -12.59
C GLY D 146 -3.83 -1.24 -13.32
N PRO D 147 -4.18 0.01 -13.66
CA PRO D 147 -3.21 0.88 -14.32
C PRO D 147 -2.10 1.28 -13.36
N GLU D 148 -0.92 1.58 -13.87
CA GLU D 148 0.17 1.99 -13.01
C GLU D 148 0.75 3.31 -13.49
N ASP D 149 0.70 4.31 -12.62
CA ASP D 149 1.27 5.62 -12.90
C ASP D 149 2.34 5.91 -11.87
N VAL D 150 3.57 6.13 -12.34
CA VAL D 150 4.71 6.24 -11.45
C VAL D 150 5.80 7.12 -12.07
N LYS D 151 6.62 7.72 -11.22
CA LYS D 151 7.75 8.53 -11.67
C LYS D 151 8.75 7.67 -12.43
N PRO D 152 9.46 8.27 -13.39
CA PRO D 152 10.50 7.57 -14.15
C PRO D 152 11.62 7.04 -13.25
N GLY D 153 12.29 5.98 -13.69
CA GLY D 153 13.39 5.42 -12.94
C GLY D 153 12.97 4.38 -11.91
N ALA D 154 11.67 4.29 -11.67
CA ALA D 154 11.13 3.36 -10.69
C ALA D 154 10.87 1.99 -11.32
N SER D 155 10.36 1.07 -10.52
CA SER D 155 10.07 -0.28 -11.01
C SER D 155 8.62 -0.66 -10.72
N VAL D 156 7.99 -1.35 -11.67
CA VAL D 156 6.59 -1.75 -11.52
C VAL D 156 6.37 -3.23 -11.83
N LYS D 157 5.27 -3.77 -11.31
CA LYS D 157 4.87 -5.15 -11.58
C LYS D 157 3.36 -5.25 -11.80
N ILE D 158 2.95 -6.01 -12.80
CA ILE D 158 1.53 -6.18 -13.10
C ILE D 158 1.17 -7.67 -13.04
N SER D 159 -0.13 -7.95 -12.95
CA SER D 159 -0.60 -9.32 -12.80
C SER D 159 -1.51 -9.72 -13.94
N CYS D 160 -1.38 -10.97 -14.39
CA CYS D 160 -2.32 -11.55 -15.33
C CYS D 160 -2.87 -12.85 -14.78
N LYS D 161 -4.16 -12.85 -14.47
CA LYS D 161 -4.79 -14.02 -13.85
C LYS D 161 -5.67 -14.74 -14.87
N ALA D 162 -5.41 -16.04 -15.03
CA ALA D 162 -6.10 -16.83 -16.06
C ALA D 162 -7.07 -17.84 -15.44
N SER D 163 -8.21 -18.01 -16.10
CA SER D 163 -9.20 -18.98 -15.68
C SER D 163 -9.80 -19.69 -16.89
N GLY D 164 -10.25 -20.92 -16.69
CA GLY D 164 -10.80 -21.71 -17.78
C GLY D 164 -9.89 -22.84 -18.25
N TYR D 165 -8.66 -22.83 -17.78
CA TYR D 165 -7.70 -23.86 -18.13
C TYR D 165 -6.54 -23.93 -17.15
N SER D 166 -5.61 -24.85 -17.39
CA SER D 166 -4.42 -24.97 -16.56
C SER D 166 -3.23 -24.39 -17.31
N LEU D 167 -2.56 -23.41 -16.72
CA LEU D 167 -1.42 -22.77 -17.37
C LEU D 167 -0.26 -23.75 -17.50
N THR D 168 -0.27 -24.76 -16.64
CA THR D 168 0.79 -25.75 -16.60
C THR D 168 0.57 -26.88 -17.60
N THR D 169 -0.54 -26.81 -18.34
CA THR D 169 -0.81 -27.81 -19.38
C THR D 169 0.28 -27.72 -20.46
N LYS D 170 0.57 -28.85 -21.09
CA LYS D 170 1.66 -28.92 -22.06
C LYS D 170 1.24 -28.30 -23.39
N GLY D 171 2.13 -27.51 -23.97
CA GLY D 171 1.87 -26.88 -25.25
C GLY D 171 1.46 -25.43 -25.14
N MET D 172 1.05 -25.02 -23.93
CA MET D 172 0.60 -23.64 -23.72
C MET D 172 1.57 -22.82 -22.88
N GLY D 173 1.71 -21.56 -23.27
CA GLY D 173 2.53 -20.60 -22.56
C GLY D 173 1.87 -19.25 -22.73
N VAL D 174 2.28 -18.28 -21.93
CA VAL D 174 1.68 -16.96 -21.97
C VAL D 174 2.69 -15.91 -22.45
N ASN D 175 2.31 -15.13 -23.45
CA ASN D 175 3.17 -14.09 -23.99
C ASN D 175 2.85 -12.72 -23.41
N TRP D 176 3.65 -11.72 -23.76
CA TRP D 176 3.39 -10.36 -23.32
C TRP D 176 3.69 -9.36 -24.44
N VAL D 177 2.71 -8.51 -24.72
CA VAL D 177 2.79 -7.58 -25.84
C VAL D 177 2.46 -6.16 -25.39
N LYS D 178 3.24 -5.19 -25.86
CA LYS D 178 3.01 -3.79 -25.52
C LYS D 178 2.52 -3.00 -26.74
N GLN D 179 1.55 -2.11 -26.52
CA GLN D 179 1.04 -1.27 -27.59
C GLN D 179 1.23 0.21 -27.25
N SER D 180 2.16 0.87 -27.95
CA SER D 180 2.32 2.31 -27.79
C SER D 180 1.59 3.02 -28.92
N PRO D 181 0.63 3.89 -28.56
CA PRO D 181 -0.19 4.56 -29.58
C PRO D 181 0.66 5.30 -30.61
N GLY D 182 0.41 5.01 -31.88
CA GLY D 182 1.16 5.61 -32.97
C GLY D 182 2.48 4.89 -33.22
N LYS D 183 2.95 4.14 -32.22
CA LYS D 183 4.19 3.39 -32.35
C LYS D 183 3.93 1.95 -32.76
N GLY D 184 2.65 1.59 -32.90
CA GLY D 184 2.27 0.25 -33.31
C GLY D 184 2.40 -0.80 -32.23
N LEU D 185 2.50 -2.06 -32.65
CA LEU D 185 2.54 -3.18 -31.72
C LEU D 185 3.94 -3.73 -31.54
N GLU D 186 4.24 -4.20 -30.33
CA GLU D 186 5.58 -4.65 -29.98
C GLU D 186 5.54 -5.90 -29.09
N TRP D 187 6.53 -6.78 -29.24
CA TRP D 187 6.60 -7.98 -28.41
C TRP D 187 7.72 -7.87 -27.37
N LEU D 188 7.49 -8.47 -26.20
CA LEU D 188 8.43 -8.33 -25.08
C LEU D 188 8.97 -9.66 -24.56
N ALA D 189 8.11 -10.42 -23.87
CA ALA D 189 8.58 -11.63 -23.21
C ALA D 189 7.53 -12.73 -23.21
N HIS D 190 7.95 -13.96 -22.93
CA HIS D 190 7.02 -15.09 -22.86
C HIS D 190 7.49 -16.08 -21.81
N ILE D 191 6.53 -16.72 -21.14
CA ILE D 191 6.83 -17.74 -20.15
C ILE D 191 6.06 -19.02 -20.47
N TYR D 192 6.79 -20.12 -20.66
CA TYR D 192 6.21 -21.40 -21.02
C TYR D 192 5.50 -22.03 -19.82
N TRP D 193 4.87 -23.18 -20.04
CA TRP D 193 4.24 -23.90 -18.95
C TRP D 193 5.31 -24.58 -18.10
N ASP D 194 6.44 -24.88 -18.74
CA ASP D 194 7.57 -25.48 -18.06
C ASP D 194 8.45 -24.37 -17.48
N ASP D 195 7.96 -23.13 -17.60
CA ASP D 195 8.50 -21.95 -16.94
C ASP D 195 9.76 -21.36 -17.59
N ASP D 196 10.25 -21.97 -18.66
CA ASP D 196 11.34 -21.35 -19.41
C ASP D 196 10.87 -20.00 -19.95
N LYS D 197 11.63 -18.95 -19.64
CA LYS D 197 11.24 -17.60 -20.04
C LYS D 197 12.20 -17.03 -21.07
N ARG D 198 11.66 -16.35 -22.07
CA ARG D 198 12.46 -15.63 -23.03
C ARG D 198 12.00 -14.18 -23.09
N TYR D 199 12.96 -13.25 -23.12
CA TYR D 199 12.64 -11.83 -23.10
C TYR D 199 13.02 -11.18 -24.42
N ASN D 200 12.74 -9.89 -24.56
CA ASN D 200 13.15 -9.15 -25.74
C ASN D 200 14.50 -8.51 -25.48
N PRO D 201 15.43 -8.64 -26.44
CA PRO D 201 16.77 -8.06 -26.28
C PRO D 201 16.72 -6.53 -26.16
N SER D 202 15.76 -5.90 -26.83
CA SER D 202 15.63 -4.44 -26.79
C SER D 202 15.18 -3.96 -25.42
N LEU D 203 14.69 -4.89 -24.60
CA LEU D 203 14.28 -4.58 -23.24
C LEU D 203 15.50 -4.44 -22.35
N LYS D 204 16.65 -4.75 -22.91
CA LYS D 204 17.93 -4.76 -22.21
C LYS D 204 17.86 -5.65 -20.97
N SER D 205 17.05 -6.70 -21.06
CA SER D 205 16.85 -7.67 -20.00
C SER D 205 16.60 -7.00 -18.66
N ARG D 206 15.86 -5.90 -18.68
CA ARG D 206 15.48 -5.20 -17.47
C ARG D 206 14.33 -5.94 -16.80
N ALA D 207 13.42 -6.43 -17.61
CA ALA D 207 12.21 -7.07 -17.13
C ALA D 207 12.49 -8.47 -16.61
N THR D 208 11.76 -8.86 -15.57
CA THR D 208 11.87 -10.21 -15.01
C THR D 208 10.47 -10.77 -14.77
N LEU D 209 10.17 -11.90 -15.43
CA LEU D 209 8.88 -12.54 -15.29
C LEU D 209 8.80 -13.34 -14.00
N THR D 210 7.58 -13.48 -13.48
CA THR D 210 7.34 -14.25 -12.26
C THR D 210 5.97 -14.91 -12.38
N VAL D 211 5.80 -16.03 -11.68
CA VAL D 211 4.53 -16.74 -11.74
C VAL D 211 4.10 -17.30 -10.39
N ASP D 212 2.84 -17.02 -10.02
CA ASP D 212 2.24 -17.63 -8.85
C ASP D 212 1.33 -18.76 -9.30
N LYS D 213 1.76 -19.99 -9.04
CA LYS D 213 1.07 -21.16 -9.56
C LYS D 213 -0.22 -21.43 -8.78
N SER D 214 -0.27 -20.95 -7.55
CA SER D 214 -1.44 -21.14 -6.69
C SER D 214 -2.68 -20.44 -7.26
N SER D 215 -2.59 -19.13 -7.46
CA SER D 215 -3.72 -18.34 -7.94
C SER D 215 -3.74 -18.23 -9.45
N SER D 216 -2.79 -18.89 -10.10
CA SER D 216 -2.66 -18.89 -11.55
C SER D 216 -2.50 -17.46 -12.08
N THR D 217 -1.67 -16.68 -11.40
CA THR D 217 -1.35 -15.33 -11.85
C THR D 217 0.10 -15.23 -12.34
N VAL D 218 0.28 -14.62 -13.50
CA VAL D 218 1.62 -14.40 -14.05
C VAL D 218 2.06 -12.95 -13.85
N TYR D 219 3.23 -12.77 -13.24
CA TYR D 219 3.73 -11.43 -12.96
C TYR D 219 4.82 -10.99 -13.94
N LEU D 220 4.81 -9.71 -14.28
CA LEU D 220 5.86 -9.10 -15.10
C LEU D 220 6.37 -7.84 -14.44
N GLU D 221 7.68 -7.79 -14.21
CA GLU D 221 8.29 -6.64 -13.54
C GLU D 221 9.11 -5.82 -14.53
N LEU D 222 9.02 -4.51 -14.43
CA LEU D 222 9.81 -3.63 -15.29
C LEU D 222 10.70 -2.69 -14.47
N ARG D 223 12.01 -2.75 -14.71
CA ARG D 223 12.97 -1.97 -13.93
C ARG D 223 13.37 -0.66 -14.60
N SER D 224 13.51 0.39 -13.78
CA SER D 224 13.98 1.70 -14.22
C SER D 224 13.20 2.22 -15.42
N LEU D 225 11.94 2.55 -15.19
CA LEU D 225 11.06 3.02 -16.27
C LEU D 225 11.48 4.37 -16.85
N THR D 226 11.26 4.53 -18.15
CA THR D 226 11.48 5.80 -18.84
C THR D 226 10.20 6.21 -19.58
N SER D 227 10.28 7.27 -20.37
CA SER D 227 9.12 7.82 -21.06
C SER D 227 8.63 6.91 -22.18
N GLU D 228 9.55 6.18 -22.81
CA GLU D 228 9.23 5.30 -23.92
C GLU D 228 8.57 4.02 -23.43
N ASP D 229 8.69 3.75 -22.14
CA ASP D 229 8.09 2.56 -21.55
C ASP D 229 6.63 2.82 -21.17
N SER D 230 6.18 4.06 -21.38
CA SER D 230 4.79 4.40 -21.08
C SER D 230 3.91 3.91 -22.22
N SER D 231 3.01 2.99 -21.89
CA SER D 231 2.12 2.39 -22.88
C SER D 231 1.04 1.53 -22.24
N VAL D 232 0.22 0.91 -23.08
CA VAL D 232 -0.71 -0.10 -22.59
C VAL D 232 -0.16 -1.49 -22.91
N TYR D 233 -0.11 -2.34 -21.89
CA TYR D 233 0.48 -3.66 -22.00
C TYR D 233 -0.61 -4.72 -22.01
N TYR D 234 -0.44 -5.74 -22.84
CA TYR D 234 -1.44 -6.80 -22.94
C TYR D 234 -0.90 -8.15 -22.48
N CYS D 235 -1.78 -8.96 -21.92
CA CYS D 235 -1.46 -10.33 -21.55
C CYS D 235 -2.12 -11.26 -22.56
N ALA D 236 -1.33 -12.16 -23.13
CA ALA D 236 -1.83 -13.03 -24.18
C ALA D 236 -1.39 -14.47 -24.00
N ARG D 237 -2.31 -15.39 -24.26
CA ARG D 237 -2.05 -16.81 -24.11
C ARG D 237 -1.71 -17.49 -25.42
N ARG D 238 -0.53 -18.09 -25.49
CA ARG D 238 -0.21 -18.95 -26.61
C ARG D 238 -1.09 -20.19 -26.48
N GLY D 239 -1.87 -20.48 -27.52
CA GLY D 239 -2.82 -21.58 -27.46
C GLY D 239 -2.14 -22.94 -27.43
N GLY D 240 -2.93 -24.00 -27.44
CA GLY D 240 -2.39 -25.34 -27.43
C GLY D 240 -1.75 -25.70 -28.76
N SER D 241 -1.30 -26.94 -28.89
CA SER D 241 -0.70 -27.39 -30.14
C SER D 241 -1.76 -27.44 -31.23
N SER D 242 -3.02 -27.52 -30.81
CA SER D 242 -4.15 -27.48 -31.73
C SER D 242 -4.25 -26.11 -32.40
N HIS D 243 -3.87 -25.07 -31.65
CA HIS D 243 -3.91 -23.70 -32.15
C HIS D 243 -2.56 -23.24 -32.69
N TYR D 244 -1.59 -24.15 -32.68
CA TYR D 244 -0.26 -23.90 -33.21
C TYR D 244 0.42 -22.67 -32.59
N TYR D 245 0.25 -22.52 -31.27
CA TYR D 245 0.92 -21.51 -30.48
C TYR D 245 0.61 -20.12 -31.03
N ALA D 246 -0.66 -19.78 -30.96
CA ALA D 246 -1.16 -18.49 -31.41
C ALA D 246 -1.83 -17.86 -30.22
N MET D 247 -2.13 -16.56 -30.30
CA MET D 247 -2.76 -15.95 -29.14
C MET D 247 -4.24 -15.94 -29.42
N ASP D 248 -4.92 -16.90 -28.81
CA ASP D 248 -6.35 -17.09 -28.96
C ASP D 248 -7.09 -16.21 -27.99
N TYR D 249 -6.58 -16.15 -26.76
CA TYR D 249 -7.21 -15.38 -25.72
C TYR D 249 -6.27 -14.29 -25.21
N TRP D 250 -6.82 -13.09 -25.10
CA TRP D 250 -6.06 -11.91 -24.73
C TRP D 250 -6.60 -11.30 -23.46
N GLY D 251 -5.78 -10.49 -22.81
CA GLY D 251 -6.21 -9.81 -21.60
C GLY D 251 -7.06 -8.58 -21.93
N GLN D 252 -7.57 -7.96 -20.87
CA GLN D 252 -8.30 -6.71 -20.98
C GLN D 252 -7.33 -5.58 -21.32
N GLY D 253 -6.10 -5.73 -20.85
CA GLY D 253 -5.06 -4.74 -21.03
C GLY D 253 -4.91 -3.87 -19.81
N THR D 254 -3.67 -3.47 -19.52
CA THR D 254 -3.37 -2.54 -18.45
C THR D 254 -2.57 -1.37 -18.98
N THR D 255 -2.73 -0.20 -18.38
CA THR D 255 -2.13 1.01 -18.89
C THR D 255 -1.04 1.57 -17.97
N VAL D 256 0.15 1.76 -18.51
CA VAL D 256 1.28 2.24 -17.72
C VAL D 256 1.82 3.54 -18.29
N THR D 257 1.96 4.55 -17.44
CA THR D 257 2.48 5.85 -17.84
C THR D 257 3.48 6.36 -16.82
N VAL D 258 4.44 7.17 -17.26
CA VAL D 258 5.42 7.75 -16.35
C VAL D 258 5.34 9.28 -16.36
N SER D 259 5.81 9.90 -15.28
CA SER D 259 5.76 11.35 -15.14
C SER D 259 7.08 11.99 -15.55
#